data_7KD8
#
_entry.id   7KD8
#
_cell.length_a   43.497
_cell.length_b   43.587
_cell.length_c   115.942
_cell.angle_alpha   97.969
_cell.angle_beta   98.648
_cell.angle_gamma   96.761
#
_symmetry.space_group_name_H-M   'P 1'
#
loop_
_entity.id
_entity.type
_entity.pdbx_description
1 polymer 'HTH-type transcriptional regulator TtgR'
2 non-polymer RESVERATROL
3 non-polymer 'MAGNESIUM ION'
4 water water
#
_entity_poly.entity_id   1
_entity_poly.type   'polypeptide(L)'
_entity_poly.pdbx_seq_one_letter_code
;SMVRRTKEEAQETRAQIIEAAERAFYKRGVARTTLADIAELAGVTRGAIYWHFNNKAELVQALLDSLHETHDHLARASES
EDEVDPLGCMRKLLLQVFNELVLDARTRRINEILHHKCEFTDDMCEIRQQRQSAVLDIHKGWTLALANAVRRGQLPGELD
AERAAVALYAYVDGLIRRWLLLPDSVDLLGDVEKWVDTGLDMLRLSPALRK
;
_entity_poly.pdbx_strand_id   A,B,D,C
#
# COMPACT_ATOMS: atom_id res chain seq x y z
N ARG A 5 27.33 -28.43 32.13
CA ARG A 5 27.04 -29.20 30.94
C ARG A 5 27.96 -28.81 29.79
N THR A 6 28.30 -29.81 28.95
CA THR A 6 29.20 -29.56 27.83
C THR A 6 28.66 -28.46 26.92
N LYS A 7 27.36 -28.45 26.68
CA LYS A 7 26.77 -27.54 25.69
C LYS A 7 26.84 -26.09 26.16
N GLU A 8 26.51 -25.85 27.43
CA GLU A 8 26.58 -24.50 27.98
C GLU A 8 28.03 -24.04 28.11
N GLU A 9 28.93 -24.94 28.50
CA GLU A 9 30.34 -24.55 28.57
C GLU A 9 30.87 -24.19 27.19
N ALA A 10 30.55 -24.97 26.16
CA ALA A 10 31.04 -24.65 24.82
C ALA A 10 30.47 -23.33 24.31
N GLN A 11 29.20 -23.04 24.63
CA GLN A 11 28.64 -21.76 24.22
C GLN A 11 29.34 -20.59 24.90
N GLU A 12 29.67 -20.74 26.18
CA GLU A 12 30.38 -19.67 26.88
C GLU A 12 31.80 -19.52 26.35
N THR A 13 32.46 -20.63 26.01
CA THR A 13 33.81 -20.53 25.46
C THR A 13 33.79 -19.84 24.10
N ARG A 14 32.83 -20.19 23.24
N ARG A 14 32.80 -20.16 23.25
CA ARG A 14 32.71 -19.52 21.95
CA ARG A 14 32.74 -19.51 21.94
C ARG A 14 32.53 -18.02 22.11
C ARG A 14 32.50 -18.01 22.08
N ALA A 15 31.63 -17.61 23.02
CA ALA A 15 31.40 -16.20 23.25
C ALA A 15 32.66 -15.52 23.79
N GLN A 16 33.41 -16.21 24.65
CA GLN A 16 34.66 -15.64 25.13
C GLN A 16 35.66 -15.45 24.00
N ILE A 17 35.70 -16.38 23.04
CA ILE A 17 36.62 -16.28 21.92
C ILE A 17 36.24 -15.11 21.02
N ILE A 18 34.94 -15.00 20.73
CA ILE A 18 34.47 -13.93 19.84
C ILE A 18 34.73 -12.55 20.46
N GLU A 19 34.50 -12.42 21.77
CA GLU A 19 34.80 -11.15 22.45
C GLU A 19 36.30 -10.83 22.40
N ALA A 20 37.16 -11.83 22.64
CA ALA A 20 38.60 -11.58 22.55
C ALA A 20 39.02 -11.28 21.12
N ALA A 21 38.38 -11.91 20.14
CA ALA A 21 38.71 -11.62 18.74
C ALA A 21 38.41 -10.16 18.40
N GLU A 22 37.28 -9.63 18.91
CA GLU A 22 36.97 -8.22 18.72
C GLU A 22 38.06 -7.34 19.30
N ARG A 23 38.50 -7.65 20.53
CA ARG A 23 39.54 -6.85 21.16
C ARG A 23 40.84 -6.95 20.38
N ALA A 24 41.21 -8.16 19.96
CA ALA A 24 42.48 -8.35 19.26
C ALA A 24 42.46 -7.70 17.88
N PHE A 25 41.38 -7.92 17.11
CA PHE A 25 41.30 -7.37 15.77
C PHE A 25 41.26 -5.84 15.80
N TYR A 26 40.54 -5.27 16.78
CA TYR A 26 40.43 -3.82 16.85
C TYR A 26 41.79 -3.19 17.14
N LYS A 27 42.57 -3.82 18.02
CA LYS A 27 43.88 -3.28 18.38
C LYS A 27 44.92 -3.49 17.28
N ARG A 28 45.04 -4.71 16.77
CA ARG A 28 46.13 -5.05 15.87
C ARG A 28 45.70 -5.34 14.44
N GLY A 29 44.40 -5.34 14.14
CA GLY A 29 43.95 -5.66 12.80
C GLY A 29 43.88 -7.15 12.55
N VAL A 30 43.17 -7.52 11.48
CA VAL A 30 42.94 -8.93 11.18
C VAL A 30 44.19 -9.58 10.59
N ALA A 31 44.88 -8.87 9.70
CA ALA A 31 45.97 -9.47 8.92
C ALA A 31 47.00 -10.16 9.81
N ARG A 32 47.42 -9.50 10.89
CA ARG A 32 48.55 -9.95 11.69
C ARG A 32 48.14 -10.66 12.97
N THR A 33 46.85 -10.85 13.20
CA THR A 33 46.34 -11.59 14.36
C THR A 33 46.09 -13.05 13.96
N THR A 34 46.59 -13.99 14.77
CA THR A 34 46.35 -15.41 14.56
C THR A 34 45.31 -15.91 15.54
N LEU A 35 44.75 -17.09 15.25
CA LEU A 35 43.90 -17.75 16.24
C LEU A 35 44.66 -18.01 17.54
N ALA A 36 45.94 -18.35 17.47
CA ALA A 36 46.70 -18.56 18.70
C ALA A 36 46.78 -17.27 19.53
N ASP A 37 46.94 -16.11 18.88
CA ASP A 37 46.93 -14.84 19.60
C ASP A 37 45.59 -14.60 20.30
N ILE A 38 44.50 -14.89 19.61
CA ILE A 38 43.18 -14.63 20.19
C ILE A 38 42.93 -15.58 21.37
N ALA A 39 43.37 -16.83 21.25
CA ALA A 39 43.17 -17.80 22.32
C ALA A 39 43.90 -17.37 23.59
N GLU A 40 45.13 -16.87 23.46
CA GLU A 40 45.82 -16.36 24.64
C GLU A 40 45.09 -15.19 25.27
N LEU A 41 44.62 -14.26 24.44
CA LEU A 41 43.88 -13.10 24.95
C LEU A 41 42.58 -13.52 25.62
N ALA A 42 41.97 -14.62 25.17
CA ALA A 42 40.72 -15.10 25.74
C ALA A 42 40.90 -15.96 26.98
N GLY A 43 42.13 -16.33 27.34
CA GLY A 43 42.33 -17.23 28.46
C GLY A 43 41.87 -18.65 28.16
N VAL A 44 41.89 -19.05 26.89
CA VAL A 44 41.36 -20.32 26.44
C VAL A 44 42.52 -21.18 25.92
N THR A 45 42.60 -22.43 26.39
CA THR A 45 43.81 -23.23 26.25
C THR A 45 43.51 -24.64 25.73
N ARG A 46 44.57 -25.44 25.62
CA ARG A 46 44.51 -26.83 25.14
C ARG A 46 43.96 -26.91 23.72
N GLY A 47 44.14 -25.84 22.94
CA GLY A 47 43.72 -25.83 21.56
C GLY A 47 42.23 -25.65 21.36
N ALA A 48 41.51 -25.14 22.37
CA ALA A 48 40.06 -25.07 22.27
C ALA A 48 39.61 -24.18 21.12
N ILE A 49 40.36 -23.14 20.79
CA ILE A 49 39.87 -22.24 19.75
C ILE A 49 39.68 -23.00 18.43
N TYR A 50 40.51 -24.01 18.17
CA TYR A 50 40.42 -24.75 16.91
C TYR A 50 39.21 -25.67 16.87
N TRP A 51 38.66 -26.03 18.02
CA TRP A 51 37.40 -26.76 18.03
C TRP A 51 36.22 -25.86 17.70
N HIS A 52 36.37 -24.54 17.86
CA HIS A 52 35.29 -23.61 17.58
C HIS A 52 35.40 -22.96 16.21
N PHE A 53 36.62 -22.77 15.69
CA PHE A 53 36.80 -22.08 14.41
C PHE A 53 37.85 -22.80 13.59
N ASN A 54 37.48 -23.17 12.35
CA ASN A 54 38.44 -23.81 11.46
C ASN A 54 39.60 -22.88 11.13
N ASN A 55 39.35 -21.58 10.98
CA ASN A 55 40.41 -20.62 10.70
C ASN A 55 39.94 -19.21 11.05
N LYS A 56 40.83 -18.23 10.79
CA LYS A 56 40.55 -16.84 11.13
C LYS A 56 39.40 -16.28 10.31
N ALA A 57 39.28 -16.67 9.04
CA ALA A 57 38.17 -16.18 8.21
C ALA A 57 36.82 -16.56 8.83
N GLU A 58 36.73 -17.73 9.46
CA GLU A 58 35.47 -18.11 10.09
C GLU A 58 35.15 -17.22 11.29
N LEU A 59 36.18 -16.76 11.99
CA LEU A 59 35.97 -15.85 13.11
C LEU A 59 35.56 -14.47 12.62
N VAL A 60 36.16 -14.01 11.52
CA VAL A 60 35.70 -12.76 10.91
C VAL A 60 34.24 -12.88 10.52
N GLN A 61 33.87 -14.01 9.91
CA GLN A 61 32.49 -14.21 9.49
C GLN A 61 31.54 -14.25 10.69
N ALA A 62 31.98 -14.84 11.80
CA ALA A 62 31.16 -14.83 13.02
C ALA A 62 30.89 -13.40 13.49
N LEU A 63 31.89 -12.53 13.43
CA LEU A 63 31.64 -11.13 13.78
C LEU A 63 30.68 -10.48 12.82
N LEU A 64 30.88 -10.71 11.51
CA LEU A 64 30.00 -10.14 10.49
C LEU A 64 28.58 -10.64 10.66
N ASP A 65 28.41 -11.94 10.88
CA ASP A 65 27.08 -12.51 11.05
C ASP A 65 26.38 -11.97 12.30
N SER A 66 27.13 -11.63 13.35
CA SER A 66 26.49 -11.16 14.57
C SER A 66 25.79 -9.82 14.37
N LEU A 67 26.13 -9.08 13.31
CA LEU A 67 25.51 -7.77 13.09
C LEU A 67 24.06 -7.89 12.62
N HIS A 68 23.72 -8.97 11.92
CA HIS A 68 22.37 -9.12 11.37
C HIS A 68 21.32 -9.34 12.45
N GLU A 69 21.73 -9.86 13.61
CA GLU A 69 20.76 -10.41 14.57
C GLU A 69 19.75 -9.37 15.03
N THR A 70 20.24 -8.19 15.43
CA THR A 70 19.37 -7.16 15.99
C THR A 70 18.27 -6.75 15.02
N HIS A 71 18.57 -6.75 13.72
CA HIS A 71 17.71 -6.15 12.72
C HIS A 71 16.84 -7.15 11.99
N ASP A 72 16.96 -8.44 12.31
CA ASP A 72 16.36 -9.48 11.49
C ASP A 72 14.85 -9.31 11.38
N HIS A 73 14.21 -8.92 12.48
CA HIS A 73 12.76 -8.81 12.52
C HIS A 73 12.25 -7.78 11.53
N LEU A 74 12.90 -6.62 11.49
CA LEU A 74 12.48 -5.58 10.56
C LEU A 74 12.84 -5.93 9.13
N ALA A 75 13.97 -6.60 8.92
CA ALA A 75 14.33 -6.97 7.55
C ALA A 75 13.34 -7.96 6.96
N ARG A 76 13.03 -9.03 7.69
CA ARG A 76 12.06 -10.00 7.19
C ARG A 76 10.69 -9.35 6.97
N ALA A 77 10.30 -8.41 7.84
CA ALA A 77 9.03 -7.71 7.63
C ALA A 77 9.05 -6.96 6.31
N SER A 78 10.13 -6.21 6.05
CA SER A 78 10.20 -5.43 4.82
C SER A 78 10.12 -6.33 3.60
N GLU A 79 10.61 -7.56 3.71
CA GLU A 79 10.68 -8.48 2.57
C GLU A 79 9.41 -9.30 2.42
N SER A 80 8.51 -9.25 3.38
CA SER A 80 7.30 -10.04 3.32
C SER A 80 6.30 -9.41 2.36
N GLU A 81 5.78 -10.23 1.44
CA GLU A 81 4.76 -9.73 0.54
C GLU A 81 3.43 -9.51 1.23
N ASP A 82 3.28 -9.95 2.48
CA ASP A 82 2.10 -9.62 3.28
C ASP A 82 2.24 -8.32 4.05
N GLU A 83 3.45 -7.77 4.15
CA GLU A 83 3.63 -6.54 4.90
C GLU A 83 2.90 -5.38 4.20
N VAL A 84 2.19 -4.58 5.00
CA VAL A 84 1.42 -3.49 4.41
C VAL A 84 2.31 -2.27 4.12
N ASP A 85 3.41 -2.11 4.86
CA ASP A 85 4.22 -0.89 4.81
C ASP A 85 5.70 -1.24 4.62
N PRO A 86 6.06 -1.86 3.49
CA PRO A 86 7.45 -2.31 3.35
C PRO A 86 8.46 -1.17 3.29
N LEU A 87 8.07 0.01 2.82
CA LEU A 87 9.00 1.14 2.86
C LEU A 87 9.17 1.64 4.28
N GLY A 88 8.10 1.64 5.08
CA GLY A 88 8.21 2.03 6.47
C GLY A 88 9.05 1.06 7.30
N CYS A 89 8.97 -0.23 6.97
CA CYS A 89 9.85 -1.19 7.62
C CYS A 89 11.31 -0.93 7.28
N MET A 90 11.59 -0.57 6.01
CA MET A 90 12.96 -0.27 5.62
C MET A 90 13.48 0.99 6.32
N ARG A 91 12.61 1.99 6.46
CA ARG A 91 12.96 3.20 7.21
C ARG A 91 13.28 2.85 8.67
N LYS A 92 12.43 2.06 9.33
CA LYS A 92 12.70 1.69 10.72
C LYS A 92 13.97 0.86 10.83
N LEU A 93 14.22 -0.01 9.85
CA LEU A 93 15.48 -0.76 9.81
C LEU A 93 16.69 0.17 9.77
N LEU A 94 16.69 1.14 8.86
CA LEU A 94 17.85 2.02 8.74
C LEU A 94 18.00 2.89 9.99
N LEU A 95 16.89 3.34 10.59
CA LEU A 95 16.99 4.08 11.84
C LEU A 95 17.67 3.26 12.92
N GLN A 96 17.31 1.98 13.04
CA GLN A 96 17.90 1.13 14.07
C GLN A 96 19.38 0.84 13.77
N VAL A 97 19.70 0.63 12.50
CA VAL A 97 21.09 0.37 12.11
C VAL A 97 21.98 1.53 12.56
N PHE A 98 21.55 2.77 12.26
CA PHE A 98 22.35 3.94 12.64
C PHE A 98 22.35 4.15 14.16
N ASN A 99 21.19 3.92 14.81
CA ASN A 99 21.11 4.09 16.26
C ASN A 99 22.02 3.12 16.98
N GLU A 100 22.01 1.87 16.56
CA GLU A 100 22.86 0.87 17.19
C GLU A 100 24.34 1.18 16.95
N LEU A 101 24.68 1.64 15.74
CA LEU A 101 26.06 1.98 15.45
C LEU A 101 26.60 3.03 16.41
N VAL A 102 25.81 4.07 16.67
CA VAL A 102 26.25 5.17 17.53
C VAL A 102 26.21 4.76 19.00
N LEU A 103 25.21 4.00 19.39
CA LEU A 103 25.00 3.72 20.81
C LEU A 103 25.75 2.48 21.29
N ASP A 104 25.90 1.45 20.45
CA ASP A 104 26.47 0.18 20.89
C ASP A 104 27.97 0.13 20.60
N ALA A 105 28.77 0.04 21.66
CA ALA A 105 30.22 -0.05 21.49
C ALA A 105 30.60 -1.27 20.67
N ARG A 106 29.89 -2.39 20.86
CA ARG A 106 30.26 -3.63 20.19
C ARG A 106 30.01 -3.54 18.69
N THR A 107 28.84 -3.04 18.30
CA THR A 107 28.52 -2.87 16.89
C THR A 107 29.47 -1.91 16.23
N ARG A 108 29.77 -0.78 16.90
CA ARG A 108 30.68 0.19 16.33
C ARG A 108 32.04 -0.42 16.08
N ARG A 109 32.57 -1.14 17.07
CA ARG A 109 33.91 -1.70 16.94
C ARG A 109 33.95 -2.80 15.89
N ILE A 110 32.90 -3.61 15.79
CA ILE A 110 32.88 -4.64 14.74
C ILE A 110 32.84 -4.00 13.37
N ASN A 111 32.08 -2.92 13.21
CA ASN A 111 32.04 -2.23 11.92
C ASN A 111 33.39 -1.63 11.60
N GLU A 112 34.06 -1.05 12.60
CA GLU A 112 35.39 -0.49 12.38
C GLU A 112 36.38 -1.57 11.97
N ILE A 113 36.27 -2.77 12.55
CA ILE A 113 37.12 -3.88 12.14
C ILE A 113 36.87 -4.24 10.68
N LEU A 114 35.60 -4.44 10.32
CA LEU A 114 35.28 -4.91 8.97
C LEU A 114 35.55 -3.85 7.91
N HIS A 115 35.26 -2.58 8.22
CA HIS A 115 35.47 -1.50 7.26
C HIS A 115 36.94 -1.14 7.16
N HIS A 116 37.62 -1.05 8.31
CA HIS A 116 38.91 -0.39 8.36
C HIS A 116 40.06 -1.22 8.86
N LYS A 117 39.82 -2.42 9.40
CA LYS A 117 40.91 -3.17 10.01
C LYS A 117 40.96 -4.61 9.51
N CYS A 118 40.58 -4.87 8.26
CA CYS A 118 40.41 -6.24 7.78
C CYS A 118 40.79 -6.37 6.30
N GLU A 119 42.08 -6.65 6.04
CA GLU A 119 42.54 -6.78 4.66
C GLU A 119 41.97 -8.00 3.94
N PHE A 120 41.74 -7.87 2.65
N PHE A 120 41.66 -7.80 2.65
CA PHE A 120 41.32 -9.03 1.85
CA PHE A 120 41.40 -8.88 1.70
C PHE A 120 42.55 -9.82 1.40
C PHE A 120 42.70 -9.25 0.99
N THR A 121 43.27 -10.37 2.39
N THR A 121 43.14 -10.49 1.12
CA THR A 121 44.60 -10.97 2.12
CA THR A 121 44.32 -10.97 0.41
C THR A 121 44.80 -12.30 2.86
C THR A 121 44.08 -12.38 -0.10
N ASP A 122 43.82 -13.20 2.79
N ASP A 122 44.64 -12.70 -1.27
CA ASP A 122 44.03 -14.53 3.33
CA ASP A 122 44.40 -14.04 -1.82
C ASP A 122 44.23 -15.54 2.20
C ASP A 122 45.14 -15.14 -1.08
N ASP A 123 44.85 -16.67 2.56
N ASP A 123 45.91 -14.81 -0.04
CA ASP A 123 45.29 -17.64 1.57
CA ASP A 123 46.37 -15.83 0.90
C ASP A 123 44.15 -18.13 0.69
C ASP A 123 45.27 -16.28 1.84
N MET A 124 43.06 -18.59 1.31
N MET A 124 44.29 -15.42 2.11
CA MET A 124 41.93 -19.13 0.57
CA MET A 124 43.12 -15.76 2.90
C MET A 124 40.97 -18.04 0.10
C MET A 124 41.88 -15.33 2.13
N CYS A 125 41.37 -16.78 0.20
N CYS A 125 41.69 -15.94 0.95
CA CYS A 125 40.56 -15.63 -0.22
CA CYS A 125 40.69 -15.47 -0.01
C CYS A 125 39.19 -15.59 0.43
C CYS A 125 39.27 -15.60 0.49
N GLU A 126 39.00 -16.31 1.54
N GLU A 126 39.04 -16.32 1.58
CA GLU A 126 37.67 -16.47 2.10
CA GLU A 126 37.67 -16.46 2.09
C GLU A 126 37.12 -15.16 2.67
C GLU A 126 37.12 -15.14 2.62
N ILE A 127 37.99 -14.26 3.13
CA ILE A 127 37.51 -13.01 3.70
C ILE A 127 36.78 -12.20 2.65
N ARG A 128 37.38 -12.06 1.46
CA ARG A 128 36.72 -11.34 0.38
C ARG A 128 35.51 -12.10 -0.14
N GLN A 129 35.63 -13.43 -0.29
CA GLN A 129 34.51 -14.21 -0.82
C GLN A 129 33.30 -14.11 0.09
N GLN A 130 33.51 -14.14 1.40
CA GLN A 130 32.37 -14.10 2.32
C GLN A 130 31.81 -12.69 2.44
N ARG A 131 32.63 -11.66 2.25
CA ARG A 131 32.10 -10.32 2.18
C ARG A 131 31.23 -10.14 0.94
N GLN A 132 31.66 -10.72 -0.19
CA GLN A 132 30.84 -10.69 -1.40
C GLN A 132 29.51 -11.38 -1.16
N SER A 133 29.55 -12.56 -0.56
CA SER A 133 28.31 -13.29 -0.27
C SER A 133 27.41 -12.48 0.65
N ALA A 134 27.99 -11.79 1.63
CA ALA A 134 27.19 -11.02 2.57
C ALA A 134 26.51 -9.84 1.89
N VAL A 135 27.23 -9.16 1.00
CA VAL A 135 26.64 -7.99 0.34
C VAL A 135 25.61 -8.42 -0.70
N LEU A 136 25.87 -9.52 -1.41
CA LEU A 136 24.85 -10.05 -2.31
C LEU A 136 23.58 -10.47 -1.58
N ASP A 137 23.72 -10.97 -0.35
CA ASP A 137 22.55 -11.36 0.44
C ASP A 137 21.76 -10.14 0.88
N ILE A 138 22.46 -9.09 1.32
CA ILE A 138 21.80 -7.82 1.62
C ILE A 138 21.09 -7.30 0.38
N HIS A 139 21.80 -7.33 -0.76
CA HIS A 139 21.21 -6.85 -2.01
C HIS A 139 19.94 -7.61 -2.37
N LYS A 140 19.98 -8.94 -2.27
CA LYS A 140 18.80 -9.73 -2.58
C LYS A 140 17.61 -9.35 -1.70
N GLY A 141 17.87 -9.09 -0.42
CA GLY A 141 16.79 -8.71 0.48
C GLY A 141 16.29 -7.31 0.21
N TRP A 142 17.19 -6.36 -0.02
CA TRP A 142 16.76 -5.00 -0.30
C TRP A 142 16.06 -4.89 -1.64
N THR A 143 16.51 -5.66 -2.64
CA THR A 143 15.80 -5.66 -3.93
C THR A 143 14.36 -6.14 -3.74
N LEU A 144 14.18 -7.18 -2.93
CA LEU A 144 12.83 -7.66 -2.63
C LEU A 144 12.01 -6.62 -1.88
N ALA A 145 12.60 -5.98 -0.87
CA ALA A 145 11.83 -4.99 -0.09
C ALA A 145 11.46 -3.78 -0.94
N LEU A 146 12.37 -3.33 -1.81
CA LEU A 146 12.01 -2.23 -2.70
C LEU A 146 10.97 -2.66 -3.73
N ALA A 147 11.09 -3.87 -4.26
CA ALA A 147 10.06 -4.38 -5.17
C ALA A 147 8.71 -4.51 -4.46
N ASN A 148 8.71 -4.81 -3.17
CA ASN A 148 7.47 -4.82 -2.41
C ASN A 148 6.90 -3.41 -2.24
N ALA A 149 7.79 -2.43 -2.02
CA ALA A 149 7.35 -1.05 -1.90
C ALA A 149 6.77 -0.53 -3.21
N VAL A 150 7.42 -0.87 -4.32
CA VAL A 150 6.88 -0.53 -5.63
C VAL A 150 5.48 -1.12 -5.79
N ARG A 151 5.32 -2.39 -5.40
CA ARG A 151 4.03 -3.05 -5.59
C ARG A 151 2.93 -2.39 -4.76
N ARG A 152 3.29 -1.91 -3.57
CA ARG A 152 2.35 -1.19 -2.72
C ARG A 152 2.17 0.27 -3.14
N GLY A 153 2.84 0.71 -4.19
CA GLY A 153 2.75 2.09 -4.64
C GLY A 153 3.54 3.07 -3.81
N GLN A 154 4.46 2.58 -2.98
CA GLN A 154 5.22 3.43 -2.11
C GLN A 154 6.48 3.95 -2.77
N LEU A 155 6.83 3.41 -3.92
CA LEU A 155 7.93 3.85 -4.76
C LEU A 155 7.46 3.83 -6.22
N PRO A 156 8.12 4.60 -7.08
CA PRO A 156 7.69 4.67 -8.49
C PRO A 156 7.54 3.30 -9.15
N GLY A 157 6.48 3.16 -9.94
CA GLY A 157 6.22 1.91 -10.63
C GLY A 157 7.30 1.49 -11.60
N GLU A 158 8.04 2.44 -12.16
CA GLU A 158 9.10 2.13 -13.11
C GLU A 158 10.48 2.11 -12.46
N LEU A 159 10.56 2.06 -11.14
CA LEU A 159 11.84 2.01 -10.47
C LEU A 159 12.59 0.74 -10.85
N ASP A 160 13.88 0.90 -11.17
CA ASP A 160 14.81 -0.21 -11.35
C ASP A 160 15.18 -0.70 -9.96
N ALA A 161 14.50 -1.75 -9.50
CA ALA A 161 14.64 -2.15 -8.11
C ALA A 161 16.05 -2.60 -7.80
N GLU A 162 16.70 -3.28 -8.76
CA GLU A 162 18.08 -3.72 -8.56
C GLU A 162 19.03 -2.54 -8.45
N ARG A 163 18.94 -1.57 -9.36
CA ARG A 163 19.85 -0.44 -9.26
C ARG A 163 19.55 0.40 -8.03
N ALA A 164 18.28 0.50 -7.63
CA ALA A 164 17.94 1.29 -6.44
C ALA A 164 18.50 0.64 -5.18
N ALA A 165 18.48 -0.68 -5.11
CA ALA A 165 19.07 -1.36 -3.95
C ALA A 165 20.57 -1.11 -3.90
N VAL A 166 21.22 -1.05 -5.06
CA VAL A 166 22.65 -0.74 -5.10
C VAL A 166 22.89 0.68 -4.61
N ALA A 167 22.08 1.63 -5.09
CA ALA A 167 22.28 3.02 -4.70
C ALA A 167 22.04 3.21 -3.20
N LEU A 168 21.01 2.54 -2.64
CA LEU A 168 20.77 2.69 -1.21
C LEU A 168 21.90 2.07 -0.39
N TYR A 169 22.39 0.91 -0.81
CA TYR A 169 23.52 0.29 -0.10
C TYR A 169 24.75 1.20 -0.15
N ALA A 170 25.04 1.75 -1.33
CA ALA A 170 26.20 2.63 -1.48
C ALA A 170 26.12 3.80 -0.50
N TYR A 171 24.96 4.47 -0.44
CA TYR A 171 24.79 5.60 0.46
C TYR A 171 24.95 5.19 1.92
N VAL A 172 24.26 4.13 2.32
CA VAL A 172 24.28 3.73 3.73
C VAL A 172 25.67 3.27 4.14
N ASP A 173 26.28 2.40 3.33
CA ASP A 173 27.61 1.90 3.64
C ASP A 173 28.63 3.04 3.64
N GLY A 174 28.52 3.93 2.67
CA GLY A 174 29.41 5.08 2.63
C GLY A 174 29.26 6.00 3.82
N LEU A 175 28.03 6.22 4.26
CA LEU A 175 27.79 7.11 5.39
C LEU A 175 28.33 6.53 6.69
N ILE A 176 28.16 5.23 6.87
CA ILE A 176 28.70 4.54 8.04
C ILE A 176 30.22 4.65 8.06
N ARG A 177 30.86 4.34 6.94
CA ARG A 177 32.32 4.44 6.87
C ARG A 177 32.78 5.86 7.08
N ARG A 178 32.07 6.83 6.50
N ARG A 178 32.08 6.85 6.53
CA ARG A 178 32.40 8.24 6.72
CA ARG A 178 32.51 8.21 6.76
C ARG A 178 32.31 8.61 8.19
C ARG A 178 32.33 8.63 8.21
N TRP A 179 31.30 8.10 8.88
CA TRP A 179 31.13 8.40 10.30
C TRP A 179 32.22 7.74 11.13
N LEU A 180 32.56 6.48 10.81
CA LEU A 180 33.65 5.81 11.54
C LEU A 180 34.95 6.58 11.38
N LEU A 181 35.18 7.15 10.20
CA LEU A 181 36.43 7.87 9.93
C LEU A 181 36.45 9.23 10.61
N LEU A 182 35.34 9.95 10.56
CA LEU A 182 35.23 11.29 11.11
C LEU A 182 33.96 11.40 11.94
N PRO A 183 33.93 10.79 13.13
CA PRO A 183 32.69 10.78 13.92
C PRO A 183 32.28 12.15 14.41
N ASP A 184 33.23 13.03 14.71
CA ASP A 184 32.90 14.36 15.17
C ASP A 184 32.33 15.26 14.08
N SER A 185 32.30 14.78 12.84
CA SER A 185 31.85 15.59 11.72
C SER A 185 30.39 15.36 11.33
N VAL A 186 29.83 14.21 11.68
CA VAL A 186 28.47 13.83 11.28
C VAL A 186 27.69 13.50 12.55
N ASP A 187 26.65 14.28 12.84
CA ASP A 187 25.79 13.99 13.98
C ASP A 187 24.80 12.90 13.56
N LEU A 188 25.32 11.68 13.46
CA LEU A 188 24.52 10.56 12.98
C LEU A 188 23.33 10.32 13.89
N LEU A 189 23.54 10.33 15.20
CA LEU A 189 22.44 10.09 16.13
C LEU A 189 21.47 11.26 16.16
N GLY A 190 22.00 12.48 16.25
CA GLY A 190 21.14 13.64 16.40
C GLY A 190 20.21 13.86 15.22
N ASP A 191 20.73 13.74 14.00
CA ASP A 191 19.95 13.94 12.78
C ASP A 191 19.64 12.63 12.07
N VAL A 192 19.48 11.54 12.83
CA VAL A 192 19.34 10.22 12.21
C VAL A 192 18.19 10.19 11.22
N GLU A 193 17.06 10.84 11.54
CA GLU A 193 15.93 10.86 10.63
C GLU A 193 16.29 11.51 9.30
N LYS A 194 16.98 12.65 9.36
CA LYS A 194 17.43 13.30 8.13
C LYS A 194 18.38 12.40 7.34
N TRP A 195 19.30 11.70 8.02
CA TRP A 195 20.24 10.87 7.27
C TRP A 195 19.52 9.71 6.59
N VAL A 196 18.55 9.10 7.27
CA VAL A 196 17.82 7.99 6.67
C VAL A 196 16.96 8.49 5.52
N ASP A 197 16.26 9.61 5.72
CA ASP A 197 15.33 10.10 4.71
C ASP A 197 16.05 10.65 3.49
N THR A 198 17.25 11.19 3.64
CA THR A 198 18.07 11.58 2.49
C THR A 198 18.25 10.40 1.52
N GLY A 199 18.60 9.24 2.06
CA GLY A 199 18.77 8.06 1.22
C GLY A 199 17.46 7.56 0.63
N LEU A 200 16.40 7.54 1.43
CA LEU A 200 15.12 7.08 0.90
C LEU A 200 14.55 8.06 -0.11
N ASP A 201 14.86 9.36 0.04
CA ASP A 201 14.42 10.35 -0.95
C ASP A 201 15.09 10.12 -2.31
N MET A 202 16.34 9.67 -2.30
CA MET A 202 17.02 9.37 -3.55
C MET A 202 16.26 8.32 -4.36
N LEU A 203 15.81 7.26 -3.69
CA LEU A 203 15.09 6.21 -4.39
C LEU A 203 13.71 6.68 -4.85
N ARG A 204 13.04 7.50 -4.04
CA ARG A 204 11.68 7.91 -4.33
C ARG A 204 11.60 8.93 -5.46
N LEU A 205 12.65 9.72 -5.63
CA LEU A 205 12.56 10.94 -6.42
C LEU A 205 13.52 11.01 -7.62
N SER A 206 14.59 10.24 -7.64
CA SER A 206 15.56 10.34 -8.73
C SER A 206 15.04 9.68 -10.00
N PRO A 207 14.87 10.43 -11.09
CA PRO A 207 14.48 9.78 -12.34
C PRO A 207 15.56 8.86 -12.91
N ALA A 208 16.83 9.08 -12.54
CA ALA A 208 17.90 8.21 -13.03
C ALA A 208 17.74 6.78 -12.52
N LEU A 209 16.92 6.56 -11.51
CA LEU A 209 16.72 5.23 -10.93
C LEU A 209 15.51 4.50 -11.53
N ARG A 210 14.89 5.06 -12.56
CA ARG A 210 13.73 4.44 -13.18
C ARG A 210 14.13 3.85 -14.53
N LYS A 211 13.46 2.75 -14.89
CA LYS A 211 13.83 2.00 -16.09
C LYS A 211 13.58 2.80 -17.36
N ARG B 4 71.74 10.16 -16.12
CA ARG B 4 73.09 10.69 -15.99
C ARG B 4 73.13 11.89 -15.05
N ARG B 5 71.95 12.28 -14.56
CA ARG B 5 71.81 13.38 -13.61
C ARG B 5 71.11 12.89 -12.35
N THR B 6 71.48 13.49 -11.22
CA THR B 6 71.00 13.04 -9.92
C THR B 6 69.48 13.06 -9.84
N LYS B 7 68.88 14.18 -10.23
CA LYS B 7 67.44 14.34 -10.02
C LYS B 7 66.65 13.40 -10.93
N GLU B 8 67.04 13.28 -12.19
CA GLU B 8 66.26 12.45 -13.11
C GLU B 8 66.38 10.97 -12.75
N GLU B 9 67.56 10.52 -12.31
CA GLU B 9 67.70 9.15 -11.85
C GLU B 9 66.91 8.94 -10.56
N ALA B 10 66.91 9.92 -9.67
CA ALA B 10 66.10 9.82 -8.46
C ALA B 10 64.62 9.72 -8.78
N GLN B 11 64.14 10.51 -9.75
CA GLN B 11 62.73 10.44 -10.12
C GLN B 11 62.38 9.08 -10.72
N GLU B 12 63.29 8.51 -11.51
CA GLU B 12 63.05 7.19 -12.07
C GLU B 12 63.01 6.13 -10.98
N THR B 13 63.94 6.19 -10.02
CA THR B 13 63.94 5.23 -8.92
C THR B 13 62.68 5.36 -8.09
N ARG B 14 62.27 6.59 -7.78
CA ARG B 14 61.05 6.79 -7.00
C ARG B 14 59.85 6.16 -7.70
N ALA B 15 59.74 6.35 -9.02
CA ALA B 15 58.60 5.81 -9.76
C ALA B 15 58.65 4.28 -9.78
N GLN B 16 59.84 3.70 -9.90
CA GLN B 16 59.97 2.25 -9.82
C GLN B 16 59.51 1.73 -8.46
N ILE B 17 59.84 2.44 -7.38
CA ILE B 17 59.45 2.01 -6.05
C ILE B 17 57.95 2.06 -5.89
N ILE B 18 57.35 3.16 -6.36
CA ILE B 18 55.89 3.32 -6.22
C ILE B 18 55.17 2.24 -7.01
N GLU B 19 55.65 1.95 -8.22
CA GLU B 19 55.02 0.93 -9.06
C GLU B 19 55.10 -0.44 -8.37
N ALA B 20 56.26 -0.78 -7.82
CA ALA B 20 56.40 -2.04 -7.11
C ALA B 20 55.55 -2.08 -5.85
N ALA B 21 55.42 -0.95 -5.15
CA ALA B 21 54.58 -0.89 -3.96
C ALA B 21 53.13 -1.19 -4.30
N GLU B 22 52.65 -0.64 -5.40
CA GLU B 22 51.29 -0.95 -5.84
C GLU B 22 51.12 -2.46 -6.07
N ARG B 23 52.09 -3.09 -6.74
CA ARG B 23 52.03 -4.52 -6.99
C ARG B 23 52.10 -5.32 -5.69
N ALA B 24 53.02 -4.95 -4.79
CA ALA B 24 53.18 -5.67 -3.53
C ALA B 24 51.95 -5.51 -2.64
N PHE B 25 51.50 -4.28 -2.42
CA PHE B 25 50.34 -4.05 -1.57
C PHE B 25 49.09 -4.70 -2.12
N TYR B 26 48.92 -4.67 -3.46
CA TYR B 26 47.73 -5.25 -4.05
C TYR B 26 47.68 -6.76 -3.85
N LYS B 27 48.84 -7.41 -3.95
CA LYS B 27 48.92 -8.86 -3.85
C LYS B 27 48.91 -9.34 -2.40
N ARG B 28 49.68 -8.68 -1.53
CA ARG B 28 49.90 -9.20 -0.18
C ARG B 28 49.38 -8.30 0.92
N GLY B 29 48.90 -7.10 0.60
CA GLY B 29 48.39 -6.19 1.60
C GLY B 29 49.49 -5.35 2.22
N VAL B 30 49.06 -4.26 2.88
CA VAL B 30 50.03 -3.32 3.46
C VAL B 30 50.64 -3.88 4.73
N ALA B 31 49.85 -4.58 5.55
CA ALA B 31 50.30 -4.95 6.89
C ALA B 31 51.56 -5.81 6.86
N ARG B 32 51.60 -6.81 5.97
CA ARG B 32 52.69 -7.77 6.00
C ARG B 32 53.78 -7.47 4.99
N THR B 33 53.63 -6.42 4.19
CA THR B 33 54.63 -5.99 3.23
C THR B 33 55.65 -5.08 3.91
N THR B 34 56.94 -5.39 3.75
CA THR B 34 57.99 -4.54 4.26
C THR B 34 58.56 -3.69 3.13
N LEU B 35 59.25 -2.60 3.51
CA LEU B 35 59.98 -1.82 2.52
C LEU B 35 61.08 -2.65 1.86
N ALA B 36 61.71 -3.56 2.60
CA ALA B 36 62.70 -4.44 1.98
C ALA B 36 62.05 -5.35 0.93
N ASP B 37 60.83 -5.83 1.18
CA ASP B 37 60.10 -6.59 0.17
C ASP B 37 59.91 -5.77 -1.07
N ILE B 38 59.50 -4.52 -0.92
CA ILE B 38 59.20 -3.67 -2.05
C ILE B 38 60.48 -3.35 -2.81
N ALA B 39 61.57 -3.12 -2.08
CA ALA B 39 62.87 -2.90 -2.71
C ALA B 39 63.24 -4.07 -3.61
N GLU B 40 63.12 -5.30 -3.12
CA GLU B 40 63.43 -6.48 -3.94
C GLU B 40 62.57 -6.52 -5.19
N LEU B 41 61.25 -6.32 -5.02
CA LEU B 41 60.36 -6.28 -6.18
C LEU B 41 60.75 -5.16 -7.15
N ALA B 42 61.21 -4.02 -6.64
CA ALA B 42 61.50 -2.89 -7.51
C ALA B 42 62.86 -3.00 -8.19
N GLY B 43 63.70 -3.93 -7.75
CA GLY B 43 65.06 -3.98 -8.24
C GLY B 43 65.92 -2.83 -7.76
N VAL B 44 65.66 -2.34 -6.55
CA VAL B 44 66.49 -1.29 -5.95
C VAL B 44 67.06 -1.81 -4.63
N THR B 45 68.08 -1.10 -4.13
CA THR B 45 68.68 -1.43 -2.85
C THR B 45 67.77 -0.99 -1.70
N ARG B 46 68.00 -1.59 -0.53
CA ARG B 46 67.31 -1.15 0.69
C ARG B 46 67.70 0.28 1.04
N GLY B 47 68.95 0.65 0.84
CA GLY B 47 69.34 2.04 1.07
C GLY B 47 68.55 3.00 0.21
N ALA B 48 68.32 2.63 -1.05
CA ALA B 48 67.56 3.49 -1.95
C ALA B 48 66.11 3.66 -1.49
N ILE B 49 65.46 2.58 -1.05
CA ILE B 49 64.05 2.76 -0.71
C ILE B 49 63.91 3.59 0.55
N TYR B 50 64.81 3.41 1.52
CA TYR B 50 64.73 4.17 2.76
C TYR B 50 65.21 5.60 2.57
N TRP B 51 65.96 5.86 1.48
CA TRP B 51 66.27 7.23 1.11
C TRP B 51 65.01 7.96 0.64
N HIS B 52 64.17 7.28 -0.14
CA HIS B 52 62.98 7.90 -0.71
C HIS B 52 61.81 7.92 0.27
N PHE B 53 61.70 6.92 1.14
CA PHE B 53 60.56 6.78 2.03
C PHE B 53 61.05 6.33 3.40
N ASN B 54 60.62 7.05 4.46
CA ASN B 54 61.01 6.67 5.82
C ASN B 54 60.34 5.38 6.27
N ASN B 55 59.10 5.16 5.83
CA ASN B 55 58.31 4.06 6.35
C ASN B 55 57.19 3.78 5.37
N LYS B 56 56.45 2.70 5.65
CA LYS B 56 55.34 2.28 4.80
C LYS B 56 54.25 3.34 4.72
N ALA B 57 54.00 4.06 5.81
CA ALA B 57 52.96 5.09 5.79
C ALA B 57 53.23 6.14 4.71
N GLU B 58 54.51 6.46 4.48
CA GLU B 58 54.83 7.44 3.46
C GLU B 58 54.60 6.91 2.05
N LEU B 59 54.76 5.60 1.85
CA LEU B 59 54.45 5.02 0.54
C LEU B 59 52.96 4.96 0.30
N VAL B 60 52.18 4.55 1.31
CA VAL B 60 50.73 4.59 1.19
C VAL B 60 50.27 6.00 0.85
N GLN B 61 50.88 7.02 1.47
CA GLN B 61 50.45 8.39 1.20
C GLN B 61 50.80 8.81 -0.22
N ALA B 62 51.95 8.36 -0.73
CA ALA B 62 52.29 8.64 -2.13
C ALA B 62 51.24 8.07 -3.07
N LEU B 63 50.77 6.84 -2.80
CA LEU B 63 49.70 6.25 -3.60
C LEU B 63 48.41 7.07 -3.49
N LEU B 64 48.02 7.41 -2.25
CA LEU B 64 46.81 8.19 -2.06
C LEU B 64 46.93 9.56 -2.72
N ASP B 65 48.07 10.25 -2.55
CA ASP B 65 48.20 11.58 -3.13
C ASP B 65 48.24 11.55 -4.65
N SER B 66 48.57 10.40 -5.26
CA SER B 66 48.62 10.30 -6.71
C SER B 66 47.24 10.29 -7.35
N LEU B 67 46.18 10.08 -6.57
CA LEU B 67 44.85 9.96 -7.17
C LEU B 67 44.26 11.30 -7.60
N HIS B 68 44.64 12.42 -7.01
CA HIS B 68 43.85 13.60 -7.26
C HIS B 68 44.32 14.42 -8.47
N GLU B 69 45.51 14.17 -9.00
N GLU B 69 45.50 14.15 -9.01
CA GLU B 69 46.06 15.04 -10.05
CA GLU B 69 46.07 15.03 -10.04
C GLU B 69 45.15 15.08 -11.27
C GLU B 69 45.21 15.06 -11.30
N THR B 70 44.59 13.92 -11.65
CA THR B 70 43.79 13.86 -12.86
C THR B 70 42.60 14.82 -12.81
N HIS B 71 42.00 14.99 -11.64
CA HIS B 71 40.73 15.70 -11.52
C HIS B 71 40.87 17.11 -10.98
N ASP B 72 42.08 17.57 -10.67
CA ASP B 72 42.24 18.86 -10.00
C ASP B 72 41.71 20.01 -10.84
N HIS B 73 41.77 19.88 -12.17
CA HIS B 73 41.32 20.95 -13.06
C HIS B 73 39.81 21.16 -12.98
N LEU B 74 39.04 20.06 -12.97
CA LEU B 74 37.59 20.18 -12.86
C LEU B 74 37.17 20.53 -11.43
N ALA B 75 37.93 20.07 -10.44
CA ALA B 75 37.60 20.38 -9.04
C ALA B 75 37.78 21.87 -8.75
N ARG B 76 38.92 22.45 -9.14
CA ARG B 76 39.12 23.87 -8.90
C ARG B 76 38.11 24.71 -9.66
N ALA B 77 37.69 24.27 -10.85
CA ALA B 77 36.65 24.99 -11.59
C ALA B 77 35.32 24.98 -10.84
N SER B 78 34.93 23.81 -10.31
CA SER B 78 33.67 23.75 -9.56
C SER B 78 33.71 24.65 -8.34
N GLU B 79 34.88 24.83 -7.75
CA GLU B 79 35.05 25.62 -6.54
C GLU B 79 35.19 27.11 -6.84
N SER B 80 35.40 27.48 -8.10
CA SER B 80 35.54 28.88 -8.46
C SER B 80 34.22 29.63 -8.28
N GLU B 81 34.26 30.71 -7.49
CA GLU B 81 33.10 31.56 -7.29
C GLU B 81 32.70 32.27 -8.57
N ASP B 82 33.58 32.34 -9.56
CA ASP B 82 33.28 32.93 -10.85
C ASP B 82 32.90 31.91 -11.91
N GLU B 83 32.94 30.62 -11.59
CA GLU B 83 32.57 29.62 -12.58
C GLU B 83 31.06 29.64 -12.82
N VAL B 84 30.66 29.70 -14.08
CA VAL B 84 29.24 29.89 -14.37
C VAL B 84 28.42 28.61 -14.21
N ASP B 85 29.05 27.45 -14.25
CA ASP B 85 28.34 26.17 -14.25
C ASP B 85 28.98 25.23 -13.24
N PRO B 86 28.96 25.59 -11.95
CA PRO B 86 29.63 24.75 -10.95
C PRO B 86 29.01 23.37 -10.80
N LEU B 87 27.69 23.23 -10.94
CA LEU B 87 27.13 21.88 -10.84
C LEU B 87 27.56 21.03 -12.03
N GLY B 88 27.66 21.65 -13.21
CA GLY B 88 28.14 20.92 -14.38
C GLY B 88 29.59 20.50 -14.25
N CYS B 89 30.42 21.35 -13.64
CA CYS B 89 31.79 20.94 -13.36
C CYS B 89 31.82 19.77 -12.39
N MET B 90 30.93 19.77 -11.40
CA MET B 90 30.85 18.64 -10.46
C MET B 90 30.44 17.36 -11.18
N ARG B 91 29.50 17.45 -12.11
CA ARG B 91 29.09 16.28 -12.86
C ARG B 91 30.23 15.76 -13.73
N LYS B 92 30.96 16.67 -14.41
CA LYS B 92 32.11 16.25 -15.21
C LYS B 92 33.17 15.63 -14.33
N LEU B 93 33.36 16.17 -13.12
CA LEU B 93 34.32 15.61 -12.18
C LEU B 93 33.93 14.19 -11.79
N LEU B 94 32.65 13.95 -11.53
CA LEU B 94 32.24 12.63 -11.09
C LEU B 94 32.32 11.61 -12.23
N LEU B 95 31.91 12.00 -13.44
CA LEU B 95 32.10 11.15 -14.61
C LEU B 95 33.56 10.75 -14.78
N GLN B 96 34.48 11.70 -14.67
CA GLN B 96 35.89 11.39 -14.89
C GLN B 96 36.44 10.49 -13.80
N VAL B 97 35.97 10.66 -12.56
CA VAL B 97 36.35 9.78 -11.46
C VAL B 97 35.95 8.34 -11.78
N PHE B 98 34.68 8.13 -12.13
CA PHE B 98 34.20 6.77 -12.43
C PHE B 98 34.89 6.19 -13.66
N ASN B 99 35.01 6.99 -14.73
CA ASN B 99 35.65 6.52 -15.95
C ASN B 99 37.09 6.06 -15.69
N GLU B 100 37.85 6.86 -14.94
CA GLU B 100 39.23 6.49 -14.63
C GLU B 100 39.29 5.23 -13.78
N LEU B 101 38.38 5.10 -12.81
CA LEU B 101 38.36 3.91 -11.97
C LEU B 101 38.19 2.65 -12.81
N VAL B 102 37.25 2.68 -13.76
CA VAL B 102 36.97 1.48 -14.55
C VAL B 102 38.08 1.24 -15.57
N LEU B 103 38.61 2.31 -16.17
CA LEU B 103 39.52 2.19 -17.30
C LEU B 103 40.99 2.02 -16.88
N ASP B 104 41.43 2.70 -15.83
CA ASP B 104 42.85 2.78 -15.49
C ASP B 104 43.19 1.70 -14.46
N ALA B 105 44.01 0.74 -14.86
CA ALA B 105 44.41 -0.32 -13.94
C ALA B 105 45.11 0.25 -12.70
N ARG B 106 45.85 1.35 -12.84
CA ARG B 106 46.56 1.90 -11.68
C ARG B 106 45.57 2.48 -10.67
N THR B 107 44.64 3.31 -11.14
CA THR B 107 43.66 3.91 -10.23
C THR B 107 42.82 2.85 -9.54
N ARG B 108 42.38 1.82 -10.28
CA ARG B 108 41.62 0.73 -9.69
C ARG B 108 42.42 0.02 -8.60
N ARG B 109 43.69 -0.28 -8.89
CA ARG B 109 44.48 -1.04 -7.92
C ARG B 109 44.78 -0.20 -6.67
N ILE B 110 45.05 1.10 -6.83
CA ILE B 110 45.27 1.94 -5.66
C ILE B 110 43.99 2.04 -4.81
N ASN B 111 42.84 2.24 -5.46
CA ASN B 111 41.59 2.27 -4.70
C ASN B 111 41.35 0.95 -3.98
N GLU B 112 41.61 -0.17 -4.65
CA GLU B 112 41.45 -1.45 -3.98
C GLU B 112 42.39 -1.57 -2.80
N ILE B 113 43.63 -1.10 -2.94
CA ILE B 113 44.56 -1.13 -1.81
C ILE B 113 44.02 -0.31 -0.65
N LEU B 114 43.55 0.90 -0.92
CA LEU B 114 43.17 1.79 0.18
C LEU B 114 41.85 1.34 0.81
N HIS B 115 40.93 0.81 0.01
CA HIS B 115 39.67 0.32 0.56
C HIS B 115 39.82 -1.02 1.26
N HIS B 116 40.56 -1.95 0.66
CA HIS B 116 40.44 -3.35 1.02
C HIS B 116 41.73 -4.04 1.39
N LYS B 117 42.90 -3.39 1.26
CA LYS B 117 44.15 -4.05 1.56
C LYS B 117 45.01 -3.22 2.52
N CYS B 118 44.38 -2.37 3.34
CA CYS B 118 45.13 -1.41 4.14
C CYS B 118 44.37 -1.21 5.45
N GLU B 119 44.95 -1.61 6.57
CA GLU B 119 44.31 -1.48 7.86
C GLU B 119 44.74 -0.21 8.60
N PHE B 120 43.79 0.37 9.34
CA PHE B 120 44.07 1.40 10.33
C PHE B 120 44.44 0.72 11.63
N THR B 121 45.70 0.86 12.05
CA THR B 121 46.12 0.33 13.35
C THR B 121 46.95 1.40 14.04
N ASP B 122 46.82 1.48 15.38
CA ASP B 122 47.54 2.53 16.09
C ASP B 122 49.04 2.32 16.15
N ASP B 123 49.55 1.18 15.66
CA ASP B 123 50.99 1.08 15.45
C ASP B 123 51.43 1.75 14.15
N MET B 124 50.48 2.21 13.34
CA MET B 124 50.73 2.93 12.12
C MET B 124 49.62 3.99 11.98
N CYS B 125 49.51 4.84 13.00
CA CYS B 125 48.41 5.79 13.12
C CYS B 125 48.37 6.81 11.98
N GLU B 126 49.48 7.00 11.27
CA GLU B 126 49.48 7.99 10.20
C GLU B 126 48.51 7.61 9.07
N ILE B 127 48.28 6.31 8.85
CA ILE B 127 47.41 5.90 7.75
C ILE B 127 46.01 6.44 7.96
N ARG B 128 45.45 6.24 9.16
CA ARG B 128 44.12 6.77 9.43
C ARG B 128 44.12 8.31 9.46
N GLN B 129 45.16 8.90 10.04
CA GLN B 129 45.22 10.37 10.13
C GLN B 129 45.28 10.99 8.75
N GLN B 130 46.04 10.39 7.84
CA GLN B 130 46.15 10.97 6.50
C GLN B 130 44.90 10.71 5.68
N ARG B 131 44.17 9.62 5.97
CA ARG B 131 42.89 9.42 5.31
C ARG B 131 41.87 10.45 5.80
N GLN B 132 41.90 10.76 7.10
CA GLN B 132 41.01 11.80 7.63
C GLN B 132 41.26 13.13 6.94
N SER B 133 42.53 13.50 6.76
CA SER B 133 42.84 14.78 6.13
C SER B 133 42.39 14.80 4.67
N ALA B 134 42.58 13.69 3.95
CA ALA B 134 42.18 13.66 2.56
C ALA B 134 40.67 13.82 2.40
N VAL B 135 39.89 13.13 3.25
CA VAL B 135 38.44 13.24 3.15
C VAL B 135 37.97 14.62 3.58
N LEU B 136 38.59 15.21 4.61
CA LEU B 136 38.22 16.55 5.03
C LEU B 136 38.51 17.56 3.94
N ASP B 137 39.61 17.36 3.20
CA ASP B 137 39.93 18.26 2.10
C ASP B 137 38.92 18.14 0.97
N ILE B 138 38.49 16.91 0.65
CA ILE B 138 37.45 16.70 -0.36
C ILE B 138 36.16 17.39 0.08
N HIS B 139 35.79 17.20 1.36
CA HIS B 139 34.57 17.79 1.89
C HIS B 139 34.57 19.31 1.75
N LYS B 140 35.70 19.95 2.09
CA LYS B 140 35.83 21.40 1.94
C LYS B 140 35.59 21.83 0.50
N GLY B 141 36.18 21.11 -0.46
CA GLY B 141 35.99 21.46 -1.86
C GLY B 141 34.56 21.30 -2.31
N TRP B 142 33.96 20.15 -1.97
CA TRP B 142 32.58 19.89 -2.39
C TRP B 142 31.60 20.82 -1.71
N THR B 143 31.84 21.17 -0.43
CA THR B 143 30.94 22.10 0.23
C THR B 143 30.89 23.43 -0.51
N LEU B 144 32.07 23.90 -0.94
CA LEU B 144 32.14 25.14 -1.72
C LEU B 144 31.52 24.98 -3.10
N ALA B 145 31.79 23.86 -3.78
CA ALA B 145 31.21 23.65 -5.11
C ALA B 145 29.69 23.64 -5.04
N LEU B 146 29.13 22.94 -4.05
CA LEU B 146 27.68 22.91 -3.91
C LEU B 146 27.12 24.27 -3.53
N ALA B 147 27.81 25.01 -2.66
CA ALA B 147 27.38 26.37 -2.35
C ALA B 147 27.41 27.25 -3.59
N ASN B 148 28.42 27.07 -4.45
CA ASN B 148 28.45 27.82 -5.70
C ASN B 148 27.25 27.47 -6.57
N ALA B 149 26.88 26.18 -6.59
CA ALA B 149 25.74 25.75 -7.40
C ALA B 149 24.45 26.35 -6.88
N VAL B 150 24.30 26.45 -5.56
CA VAL B 150 23.11 27.06 -4.98
C VAL B 150 23.03 28.52 -5.38
N ARG B 151 24.15 29.22 -5.29
CA ARG B 151 24.14 30.63 -5.64
C ARG B 151 23.76 30.84 -7.10
N ARG B 152 24.19 29.93 -7.97
CA ARG B 152 23.93 30.04 -9.39
C ARG B 152 22.58 29.46 -9.79
N GLY B 153 21.75 29.07 -8.82
CA GLY B 153 20.43 28.58 -9.13
C GLY B 153 20.37 27.16 -9.64
N GLN B 154 21.43 26.38 -9.45
CA GLN B 154 21.47 25.02 -9.94
C GLN B 154 21.06 24.01 -8.89
N LEU B 155 20.97 24.42 -7.63
CA LEU B 155 20.58 23.60 -6.51
C LEU B 155 19.65 24.41 -5.64
N PRO B 156 18.76 23.77 -4.89
CA PRO B 156 17.73 24.49 -4.13
C PRO B 156 18.36 25.49 -3.16
N GLY B 157 17.67 26.64 -3.01
CA GLY B 157 18.24 27.73 -2.23
C GLY B 157 18.46 27.41 -0.77
N GLU B 158 17.65 26.49 -0.23
CA GLU B 158 17.74 26.11 1.18
C GLU B 158 18.55 24.84 1.38
N LEU B 159 19.38 24.47 0.39
CA LEU B 159 20.22 23.29 0.54
C LEU B 159 21.19 23.47 1.70
N ASP B 160 21.31 22.44 2.54
CA ASP B 160 22.37 22.39 3.55
C ASP B 160 23.61 21.90 2.83
N ALA B 161 24.51 22.82 2.46
CA ALA B 161 25.64 22.47 1.62
C ALA B 161 26.56 21.46 2.32
N GLU B 162 26.76 21.63 3.63
CA GLU B 162 27.61 20.70 4.38
C GLU B 162 27.04 19.28 4.37
N ARG B 163 25.77 19.13 4.76
CA ARG B 163 25.18 17.78 4.77
C ARG B 163 25.07 17.21 3.36
N ALA B 164 24.81 18.07 2.36
CA ALA B 164 24.74 17.58 0.99
C ALA B 164 26.09 17.05 0.54
N ALA B 165 27.18 17.72 0.94
CA ALA B 165 28.51 17.27 0.56
C ALA B 165 28.83 15.93 1.20
N VAL B 166 28.38 15.74 2.45
CA VAL B 166 28.55 14.45 3.11
C VAL B 166 27.72 13.38 2.41
N ALA B 167 26.47 13.70 2.05
CA ALA B 167 25.62 12.71 1.41
C ALA B 167 26.20 12.30 0.06
N LEU B 168 26.69 13.28 -0.72
CA LEU B 168 27.29 12.95 -2.01
C LEU B 168 28.55 12.10 -1.83
N TYR B 169 29.40 12.46 -0.87
CA TYR B 169 30.60 11.67 -0.62
C TYR B 169 30.25 10.24 -0.21
N ALA B 170 29.30 10.10 0.71
CA ALA B 170 28.86 8.77 1.14
C ALA B 170 28.45 7.91 -0.05
N TYR B 171 27.59 8.47 -0.91
CA TYR B 171 27.11 7.74 -2.08
C TYR B 171 28.25 7.35 -3.02
N VAL B 172 29.10 8.32 -3.39
CA VAL B 172 30.17 8.04 -4.37
C VAL B 172 31.16 7.03 -3.79
N ASP B 173 31.62 7.27 -2.56
CA ASP B 173 32.59 6.37 -1.94
C ASP B 173 31.99 4.98 -1.75
N GLY B 174 30.71 4.91 -1.37
CA GLY B 174 30.09 3.61 -1.21
C GLY B 174 29.91 2.89 -2.53
N LEU B 175 29.62 3.64 -3.60
CA LEU B 175 29.44 3.00 -4.90
C LEU B 175 30.77 2.47 -5.43
N ILE B 176 31.84 3.24 -5.23
CA ILE B 176 33.17 2.80 -5.68
C ILE B 176 33.57 1.52 -4.95
N ARG B 177 33.35 1.49 -3.64
CA ARG B 177 33.73 0.31 -2.86
C ARG B 177 32.88 -0.89 -3.24
N ARG B 178 31.58 -0.65 -3.47
N ARG B 178 31.59 -0.65 -3.49
CA ARG B 178 30.70 -1.73 -3.92
CA ARG B 178 30.70 -1.72 -3.92
C ARG B 178 31.18 -2.30 -5.25
C ARG B 178 31.13 -2.29 -5.27
N TRP B 179 31.63 -1.42 -6.17
CA TRP B 179 32.08 -1.87 -7.48
C TRP B 179 33.37 -2.67 -7.37
N LEU B 180 34.30 -2.22 -6.52
CA LEU B 180 35.54 -2.96 -6.31
C LEU B 180 35.26 -4.34 -5.73
N LEU B 181 34.25 -4.44 -4.86
CA LEU B 181 33.92 -5.73 -4.25
C LEU B 181 33.22 -6.65 -5.24
N LEU B 182 32.27 -6.10 -6.00
CA LEU B 182 31.41 -6.87 -6.90
C LEU B 182 31.36 -6.15 -8.24
N PRO B 183 32.40 -6.29 -9.05
CA PRO B 183 32.47 -5.49 -10.28
C PRO B 183 31.50 -5.96 -11.34
N ASP B 184 31.49 -7.25 -11.63
CA ASP B 184 30.54 -7.83 -12.58
C ASP B 184 29.09 -7.68 -12.15
N SER B 185 28.84 -7.10 -10.97
CA SER B 185 27.47 -6.88 -10.52
C SER B 185 26.87 -5.59 -11.05
N VAL B 186 27.69 -4.58 -11.35
CA VAL B 186 27.21 -3.25 -11.66
C VAL B 186 28.06 -2.66 -12.78
N ASP B 187 27.41 -2.29 -13.89
CA ASP B 187 28.10 -1.78 -15.08
C ASP B 187 28.40 -0.29 -14.85
N LEU B 188 29.50 -0.02 -14.18
CA LEU B 188 29.83 1.36 -13.82
C LEU B 188 30.25 2.16 -15.03
N LEU B 189 30.83 1.54 -16.04
CA LEU B 189 31.24 2.24 -17.25
C LEU B 189 30.07 2.46 -18.20
N GLY B 190 29.28 1.41 -18.45
CA GLY B 190 28.20 1.54 -19.42
C GLY B 190 27.08 2.45 -18.94
N ASP B 191 26.80 2.44 -17.64
CA ASP B 191 25.74 3.25 -17.07
C ASP B 191 26.28 4.43 -16.26
N VAL B 192 27.49 4.90 -16.56
CA VAL B 192 28.14 5.87 -15.70
C VAL B 192 27.27 7.13 -15.53
N GLU B 193 26.64 7.58 -16.62
N GLU B 193 26.65 7.60 -16.62
CA GLU B 193 25.81 8.77 -16.54
CA GLU B 193 25.81 8.78 -16.50
C GLU B 193 24.63 8.56 -15.58
C GLU B 193 24.66 8.54 -15.52
N LYS B 194 24.03 7.37 -15.58
CA LYS B 194 22.96 7.07 -14.65
C LYS B 194 23.47 7.08 -13.21
N TRP B 195 24.65 6.51 -12.97
CA TRP B 195 25.15 6.43 -11.61
C TRP B 195 25.50 7.81 -11.07
N VAL B 196 26.06 8.68 -11.92
CA VAL B 196 26.37 10.03 -11.47
C VAL B 196 25.07 10.79 -11.19
N ASP B 197 24.12 10.71 -12.11
CA ASP B 197 22.91 11.50 -11.97
C ASP B 197 22.05 11.03 -10.80
N THR B 198 22.16 9.76 -10.42
CA THR B 198 21.45 9.30 -9.23
C THR B 198 21.92 10.06 -8.00
N GLY B 199 23.22 10.28 -7.88
CA GLY B 199 23.75 11.02 -6.73
C GLY B 199 23.39 12.49 -6.76
N LEU B 200 23.52 13.12 -7.92
CA LEU B 200 23.18 14.54 -8.00
C LEU B 200 21.69 14.77 -7.77
N ASP B 201 20.85 13.85 -8.27
CA ASP B 201 19.41 13.94 -8.05
C ASP B 201 19.07 13.94 -6.55
N MET B 202 19.77 13.12 -5.77
CA MET B 202 19.58 13.16 -4.32
C MET B 202 19.78 14.57 -3.77
N LEU B 203 20.83 15.26 -4.22
CA LEU B 203 21.12 16.59 -3.70
C LEU B 203 20.10 17.62 -4.18
N ARG B 204 19.68 17.51 -5.44
CA ARG B 204 18.75 18.48 -6.01
C ARG B 204 17.32 18.31 -5.48
N LEU B 205 16.93 17.10 -5.09
CA LEU B 205 15.52 16.80 -4.90
C LEU B 205 15.11 16.41 -3.49
N SER B 206 16.01 15.87 -2.69
CA SER B 206 15.64 15.38 -1.36
C SER B 206 15.32 16.54 -0.43
N PRO B 207 14.10 16.62 0.10
CA PRO B 207 13.81 17.66 1.09
C PRO B 207 14.57 17.49 2.38
N ALA B 208 15.01 16.27 2.69
CA ALA B 208 15.76 16.05 3.93
C ALA B 208 17.06 16.82 3.95
N LEU B 209 17.60 17.17 2.77
CA LEU B 209 18.86 17.88 2.67
C LEU B 209 18.68 19.39 2.70
N ARG B 210 17.47 19.89 2.96
CA ARG B 210 17.24 21.32 3.10
C ARG B 210 17.44 21.73 4.55
N LYS B 211 17.78 23.01 4.74
CA LYS B 211 18.05 23.54 6.08
C LYS B 211 16.77 23.73 6.89
N ARG C 4 -69.24 -25.53 -8.52
CA ARG C 4 -70.11 -25.90 -7.41
C ARG C 4 -69.48 -25.50 -6.08
N ARG C 5 -70.35 -25.19 -5.11
CA ARG C 5 -70.00 -24.78 -3.75
C ARG C 5 -69.47 -23.35 -3.71
N THR C 6 -70.05 -22.54 -2.81
CA THR C 6 -69.72 -21.13 -2.68
C THR C 6 -68.23 -20.91 -2.41
N LYS C 7 -67.67 -21.67 -1.47
CA LYS C 7 -66.31 -21.37 -1.03
C LYS C 7 -65.28 -21.72 -2.10
N GLU C 8 -65.46 -22.87 -2.76
CA GLU C 8 -64.51 -23.29 -3.78
C GLU C 8 -64.54 -22.33 -4.98
N GLU C 9 -65.73 -21.87 -5.38
CA GLU C 9 -65.78 -20.87 -6.45
C GLU C 9 -65.19 -19.55 -5.99
N ALA C 10 -65.41 -19.19 -4.73
CA ALA C 10 -64.82 -17.95 -4.20
C ALA C 10 -63.29 -18.04 -4.18
N GLN C 11 -62.75 -19.20 -3.80
CA GLN C 11 -61.29 -19.35 -3.80
C GLN C 11 -60.73 -19.29 -5.21
N GLU C 12 -61.43 -19.88 -6.18
CA GLU C 12 -60.98 -19.81 -7.56
C GLU C 12 -61.00 -18.37 -8.07
N THR C 13 -62.07 -17.64 -7.75
CA THR C 13 -62.16 -16.23 -8.16
C THR C 13 -61.04 -15.41 -7.53
N ARG C 14 -60.82 -15.56 -6.23
CA ARG C 14 -59.75 -14.81 -5.57
C ARG C 14 -58.40 -15.07 -6.21
N ALA C 15 -58.13 -16.33 -6.59
CA ALA C 15 -56.84 -16.67 -7.19
C ALA C 15 -56.71 -16.06 -8.58
N GLN C 16 -57.79 -16.05 -9.35
CA GLN C 16 -57.80 -15.36 -10.64
C GLN C 16 -57.52 -13.88 -10.46
N ILE C 17 -58.11 -13.26 -9.45
CA ILE C 17 -57.87 -11.83 -9.23
C ILE C 17 -56.43 -11.57 -8.88
N ILE C 18 -55.89 -12.36 -7.95
CA ILE C 18 -54.51 -12.15 -7.53
C ILE C 18 -53.55 -12.36 -8.69
N GLU C 19 -53.80 -13.35 -9.54
CA GLU C 19 -52.93 -13.61 -10.68
C GLU C 19 -52.97 -12.44 -11.66
N ALA C 20 -54.17 -11.89 -11.90
CA ALA C 20 -54.30 -10.74 -12.78
C ALA C 20 -53.67 -9.49 -12.17
N ALA C 21 -53.73 -9.35 -10.85
CA ALA C 21 -53.11 -8.22 -10.18
C ALA C 21 -51.61 -8.26 -10.36
N GLU C 22 -51.03 -9.45 -10.25
CA GLU C 22 -49.61 -9.61 -10.54
C GLU C 22 -49.26 -9.14 -11.94
N ARG C 23 -50.05 -9.55 -12.93
CA ARG C 23 -49.77 -9.15 -14.30
C ARG C 23 -49.94 -7.66 -14.49
N ALA C 24 -51.02 -7.10 -13.94
CA ALA C 24 -51.31 -5.67 -14.09
C ALA C 24 -50.27 -4.80 -13.40
N PHE C 25 -49.96 -5.10 -12.14
CA PHE C 25 -48.99 -4.30 -11.40
C PHE C 25 -47.61 -4.41 -12.05
N TYR C 26 -47.28 -5.60 -12.56
CA TYR C 26 -45.95 -5.77 -13.15
C TYR C 26 -45.80 -4.92 -14.41
N LYS C 27 -46.85 -4.80 -15.20
CA LYS C 27 -46.75 -4.07 -16.47
C LYS C 27 -47.01 -2.57 -16.33
N ARG C 28 -47.99 -2.17 -15.51
CA ARG C 28 -48.42 -0.78 -15.44
C ARG C 28 -48.06 -0.10 -14.14
N GLY C 29 -47.64 -0.86 -13.12
CA GLY C 29 -47.37 -0.33 -11.81
C GLY C 29 -48.63 -0.27 -10.96
N VAL C 30 -48.42 -0.14 -9.65
CA VAL C 30 -49.56 -0.12 -8.73
C VAL C 30 -50.30 1.21 -8.81
N ALA C 31 -49.58 2.32 -8.98
CA ALA C 31 -50.19 3.63 -8.79
C ALA C 31 -51.32 3.89 -9.78
N ARG C 32 -51.14 3.52 -11.05
CA ARG C 32 -52.14 3.84 -12.06
C ARG C 32 -53.07 2.69 -12.40
N THR C 33 -52.90 1.54 -11.74
CA THR C 33 -53.80 0.40 -11.90
C THR C 33 -54.97 0.52 -10.93
N THR C 34 -56.19 0.36 -11.44
CA THR C 34 -57.38 0.37 -10.61
C THR C 34 -57.91 -1.05 -10.44
N LEU C 35 -58.71 -1.25 -9.40
CA LEU C 35 -59.39 -2.53 -9.23
C LEU C 35 -60.27 -2.86 -10.42
N ALA C 36 -60.88 -1.84 -11.03
CA ALA C 36 -61.67 -2.10 -12.23
C ALA C 36 -60.80 -2.62 -13.37
N ASP C 37 -59.59 -2.08 -13.52
CA ASP C 37 -58.66 -2.59 -14.52
C ASP C 37 -58.35 -4.05 -14.27
N ILE C 38 -58.11 -4.40 -13.01
CA ILE C 38 -57.71 -5.76 -12.68
C ILE C 38 -58.88 -6.72 -12.90
N ALA C 39 -60.10 -6.28 -12.57
CA ALA C 39 -61.26 -7.13 -12.80
C ALA C 39 -61.40 -7.47 -14.27
N GLU C 40 -61.21 -6.48 -15.14
CA GLU C 40 -61.30 -6.74 -16.58
C GLU C 40 -60.25 -7.74 -17.03
N LEU C 41 -59.00 -7.59 -16.55
CA LEU C 41 -57.94 -8.53 -16.88
C LEU C 41 -58.23 -9.93 -16.32
N ALA C 42 -58.87 -10.01 -15.16
CA ALA C 42 -59.15 -11.31 -14.55
C ALA C 42 -60.40 -11.95 -15.13
N GLY C 43 -61.19 -11.22 -15.91
CA GLY C 43 -62.45 -11.74 -16.38
C GLY C 43 -63.51 -11.88 -15.30
N VAL C 44 -63.46 -11.03 -14.28
CA VAL C 44 -64.47 -11.05 -13.22
C VAL C 44 -65.20 -9.70 -13.21
N THR C 45 -66.33 -9.66 -12.52
CA THR C 45 -67.05 -8.40 -12.44
C THR C 45 -66.41 -7.45 -11.44
N ARG C 46 -66.74 -6.16 -11.59
CA ARG C 46 -66.33 -5.17 -10.60
C ARG C 46 -66.91 -5.49 -9.23
N GLY C 47 -68.15 -5.95 -9.18
CA GLY C 47 -68.72 -6.35 -7.90
C GLY C 47 -67.90 -7.45 -7.24
N ALA C 48 -67.45 -8.42 -8.03
CA ALA C 48 -66.67 -9.53 -7.50
C ALA C 48 -65.34 -9.06 -6.94
N ILE C 49 -64.63 -8.18 -7.64
CA ILE C 49 -63.30 -7.82 -7.12
C ILE C 49 -63.44 -7.03 -5.83
N TYR C 50 -64.45 -6.17 -5.75
CA TYR C 50 -64.67 -5.37 -4.54
C TYR C 50 -65.26 -6.19 -3.41
N TRP C 51 -65.89 -7.32 -3.72
CA TRP C 51 -66.28 -8.24 -2.66
C TRP C 51 -65.06 -8.87 -2.01
N HIS C 52 -64.04 -9.21 -2.81
CA HIS C 52 -62.83 -9.83 -2.27
C HIS C 52 -61.84 -8.82 -1.68
N PHE C 53 -61.72 -7.64 -2.27
CA PHE C 53 -60.71 -6.66 -1.86
C PHE C 53 -61.35 -5.29 -1.78
N ASN C 54 -61.22 -4.64 -0.62
CA ASN C 54 -61.82 -3.33 -0.42
C ASN C 54 -61.11 -2.25 -1.22
N ASN C 55 -59.82 -2.42 -1.44
CA ASN C 55 -59.01 -1.40 -2.08
C ASN C 55 -57.74 -2.06 -2.59
N LYS C 56 -56.96 -1.26 -3.31
CA LYS C 56 -55.72 -1.75 -3.92
C LYS C 56 -54.68 -2.12 -2.88
N ALA C 57 -54.66 -1.43 -1.74
CA ALA C 57 -53.73 -1.79 -0.68
C ALA C 57 -53.92 -3.23 -0.20
N GLU C 58 -55.17 -3.68 -0.07
CA GLU C 58 -55.40 -5.05 0.36
C GLU C 58 -54.87 -6.06 -0.65
N LEU C 59 -54.89 -5.70 -1.94
CA LEU C 59 -54.38 -6.58 -2.97
C LEU C 59 -52.85 -6.66 -2.93
N VAL C 60 -52.19 -5.50 -2.78
CA VAL C 60 -50.75 -5.51 -2.57
C VAL C 60 -50.39 -6.36 -1.35
N GLN C 61 -51.16 -6.23 -0.27
CA GLN C 61 -50.88 -7.02 0.93
C GLN C 61 -51.01 -8.51 0.66
N ALA C 62 -52.01 -8.92 -0.15
CA ALA C 62 -52.16 -10.33 -0.48
C ALA C 62 -50.95 -10.85 -1.26
N LEU C 63 -50.39 -10.04 -2.16
CA LEU C 63 -49.16 -10.40 -2.85
C LEU C 63 -48.00 -10.52 -1.87
N LEU C 64 -47.84 -9.52 -1.00
CA LEU C 64 -46.75 -9.56 -0.04
C LEU C 64 -46.90 -10.73 0.92
N ASP C 65 -48.13 -10.99 1.36
CA ASP C 65 -48.33 -12.09 2.30
C ASP C 65 -48.05 -13.45 1.67
N SER C 66 -48.25 -13.58 0.36
CA SER C 66 -48.04 -14.84 -0.32
C SER C 66 -46.57 -15.26 -0.34
N LEU C 67 -45.65 -14.36 0.03
CA LEU C 67 -44.23 -14.66 -0.15
C LEU C 67 -43.66 -15.55 0.94
N HIS C 68 -44.19 -15.50 2.16
CA HIS C 68 -43.50 -16.23 3.23
C HIS C 68 -43.86 -17.71 3.30
N GLU C 69 -44.94 -18.12 2.63
CA GLU C 69 -45.47 -19.47 2.82
C GLU C 69 -44.43 -20.55 2.52
N THR C 70 -43.71 -20.41 1.41
CA THR C 70 -42.73 -21.41 1.00
C THR C 70 -41.67 -21.66 2.06
N HIS C 71 -41.30 -20.62 2.83
CA HIS C 71 -40.14 -20.69 3.71
C HIS C 71 -40.48 -20.86 5.17
N ASP C 72 -41.76 -20.89 5.55
CA ASP C 72 -42.12 -20.80 6.96
C ASP C 72 -41.55 -21.94 7.79
N HIS C 73 -41.45 -23.14 7.20
CA HIS C 73 -40.98 -24.30 7.95
C HIS C 73 -39.50 -24.18 8.33
N LEU C 74 -38.67 -23.72 7.40
CA LEU C 74 -37.26 -23.51 7.71
C LEU C 74 -37.07 -22.32 8.65
N ALA C 75 -37.93 -21.31 8.53
CA ALA C 75 -37.90 -20.18 9.45
C ALA C 75 -38.22 -20.62 10.88
N ARG C 76 -39.35 -21.31 11.06
CA ARG C 76 -39.70 -21.73 12.41
C ARG C 76 -38.66 -22.68 12.98
N ALA C 77 -38.04 -23.52 12.14
CA ALA C 77 -36.98 -24.39 12.65
C ALA C 77 -35.79 -23.59 13.14
N SER C 78 -35.36 -22.57 12.38
CA SER C 78 -34.23 -21.75 12.81
C SER C 78 -34.53 -21.03 14.12
N GLU C 79 -35.80 -20.71 14.36
CA GLU C 79 -36.21 -19.96 15.54
C GLU C 79 -36.44 -20.84 16.75
N SER C 80 -36.60 -22.13 16.56
CA SER C 80 -36.79 -23.04 17.68
C SER C 80 -35.52 -23.14 18.52
N GLU C 81 -35.65 -22.88 19.82
CA GLU C 81 -34.51 -23.07 20.72
C GLU C 81 -34.09 -24.54 20.80
N ASP C 82 -34.97 -25.47 20.45
CA ASP C 82 -34.63 -26.88 20.44
C ASP C 82 -33.90 -27.32 19.17
N GLU C 83 -33.84 -26.46 18.15
CA GLU C 83 -33.18 -26.83 16.90
C GLU C 83 -31.68 -26.96 17.10
N VAL C 84 -31.12 -28.11 16.74
CA VAL C 84 -29.70 -28.34 16.97
C VAL C 84 -28.81 -27.57 16.00
N ASP C 85 -29.33 -27.14 14.85
CA ASP C 85 -28.51 -26.55 13.79
C ASP C 85 -29.16 -25.28 13.25
N PRO C 86 -29.39 -24.28 14.11
CA PRO C 86 -30.14 -23.12 13.64
C PRO C 86 -29.40 -22.29 12.61
N LEU C 87 -28.06 -22.27 12.62
CA LEU C 87 -27.38 -21.53 11.55
C LEU C 87 -27.51 -22.27 10.23
N GLY C 88 -27.50 -23.61 10.27
CA GLY C 88 -27.75 -24.37 9.06
C GLY C 88 -29.18 -24.24 8.56
N CYS C 89 -30.15 -24.09 9.48
CA CYS C 89 -31.51 -23.78 9.04
C CYS C 89 -31.57 -22.42 8.37
N MET C 90 -30.84 -21.43 8.91
CA MET C 90 -30.80 -20.11 8.28
C MET C 90 -30.14 -20.17 6.91
N ARG C 91 -29.07 -20.95 6.78
CA ARG C 91 -28.41 -21.07 5.48
C ARG C 91 -29.33 -21.71 4.45
N LYS C 92 -30.05 -22.78 4.85
CA LYS C 92 -31.01 -23.39 3.94
C LYS C 92 -32.14 -22.42 3.58
N LEU C 93 -32.59 -21.62 4.55
CA LEU C 93 -33.65 -20.65 4.27
C LEU C 93 -33.19 -19.65 3.22
N LEU C 94 -31.98 -19.11 3.38
CA LEU C 94 -31.49 -18.12 2.44
C LEU C 94 -31.26 -18.72 1.06
N LEU C 95 -30.77 -19.97 1.00
CA LEU C 95 -30.62 -20.65 -0.29
C LEU C 95 -31.96 -20.79 -0.97
N GLN C 96 -33.00 -21.20 -0.22
CA GLN C 96 -34.31 -21.38 -0.81
C GLN C 96 -34.91 -20.04 -1.22
N VAL C 97 -34.66 -18.98 -0.45
CA VAL C 97 -35.11 -17.64 -0.84
C VAL C 97 -34.57 -17.28 -2.22
N PHE C 98 -33.23 -17.39 -2.38
CA PHE C 98 -32.61 -17.01 -3.65
C PHE C 98 -33.03 -17.95 -4.78
N ASN C 99 -33.05 -19.26 -4.51
CA ASN C 99 -33.48 -20.24 -5.52
C ASN C 99 -34.88 -19.93 -6.03
N GLU C 100 -35.83 -19.73 -5.11
CA GLU C 100 -37.19 -19.39 -5.53
C GLU C 100 -37.22 -18.08 -6.31
N LEU C 101 -36.42 -17.09 -5.92
CA LEU C 101 -36.41 -15.82 -6.63
C LEU C 101 -36.02 -16.00 -8.09
N VAL C 102 -34.94 -16.73 -8.35
CA VAL C 102 -34.45 -16.86 -9.73
C VAL C 102 -35.37 -17.78 -10.53
N LEU C 103 -35.88 -18.84 -9.89
CA LEU C 103 -36.61 -19.89 -10.60
C LEU C 103 -38.10 -19.64 -10.75
N ASP C 104 -38.73 -19.01 -9.76
CA ASP C 104 -40.19 -18.89 -9.76
C ASP C 104 -40.60 -17.55 -10.36
N ALA C 105 -41.27 -17.60 -11.50
CA ALA C 105 -41.67 -16.37 -12.16
C ALA C 105 -42.61 -15.54 -11.29
N ARG C 106 -43.47 -16.20 -10.50
CA ARG C 106 -44.40 -15.46 -9.65
C ARG C 106 -43.67 -14.73 -8.54
N THR C 107 -42.77 -15.43 -7.84
CA THR C 107 -41.99 -14.78 -6.78
C THR C 107 -41.15 -13.62 -7.32
N ARG C 108 -40.51 -13.82 -8.46
CA ARG C 108 -39.71 -12.75 -9.04
C ARG C 108 -40.57 -11.55 -9.39
N ARG C 109 -41.72 -11.81 -10.01
CA ARG C 109 -42.60 -10.72 -10.39
C ARG C 109 -43.12 -9.97 -9.17
N ILE C 110 -43.51 -10.70 -8.12
CA ILE C 110 -43.98 -10.02 -6.90
C ILE C 110 -42.88 -9.18 -6.27
N ASN C 111 -41.65 -9.71 -6.21
CA ASN C 111 -40.55 -8.91 -5.65
C ASN C 111 -40.29 -7.68 -6.51
N GLU C 112 -40.35 -7.84 -7.83
CA GLU C 112 -40.16 -6.66 -8.68
C GLU C 112 -41.28 -5.65 -8.49
N ILE C 113 -42.53 -6.11 -8.30
CA ILE C 113 -43.61 -5.18 -8.03
C ILE C 113 -43.32 -4.41 -6.74
N LEU C 114 -42.95 -5.12 -5.67
CA LEU C 114 -42.83 -4.47 -4.37
C LEU C 114 -41.60 -3.57 -4.27
N HIS C 115 -40.50 -3.95 -4.93
CA HIS C 115 -39.31 -3.10 -4.92
C HIS C 115 -39.44 -1.92 -5.86
N HIS C 116 -39.96 -2.15 -7.07
CA HIS C 116 -39.75 -1.24 -8.18
C HIS C 116 -41.02 -0.74 -8.85
N LYS C 117 -42.21 -1.21 -8.46
CA LYS C 117 -43.43 -0.84 -9.15
C LYS C 117 -44.54 -0.49 -8.17
N CYS C 118 -44.16 -0.05 -6.97
CA CYS C 118 -45.11 0.22 -5.91
C CYS C 118 -44.57 1.41 -5.11
N GLU C 119 -45.29 2.52 -5.08
CA GLU C 119 -44.83 3.68 -4.34
C GLU C 119 -45.49 3.79 -2.96
N PHE C 120 -44.73 4.31 -1.99
CA PHE C 120 -45.26 4.71 -0.69
C PHE C 120 -45.77 6.13 -0.82
N THR C 121 -47.07 6.33 -0.70
CA THR C 121 -47.61 7.68 -0.68
C THR C 121 -48.68 7.74 0.39
N ASP C 122 -48.85 8.93 1.00
CA ASP C 122 -49.75 9.01 2.13
C ASP C 122 -51.22 9.01 1.73
N ASP C 123 -51.53 8.97 0.43
CA ASP C 123 -52.89 8.66 0.01
C ASP C 123 -53.15 7.16 -0.04
N MET C 124 -52.10 6.35 0.09
CA MET C 124 -52.21 4.90 0.24
C MET C 124 -51.26 4.46 1.34
N CYS C 125 -51.40 5.09 2.52
CA CYS C 125 -50.44 4.89 3.61
C CYS C 125 -50.40 3.45 4.12
N GLU C 126 -51.45 2.65 3.85
CA GLU C 126 -51.41 1.24 4.22
C GLU C 126 -50.17 0.54 3.69
N ILE C 127 -49.72 0.91 2.49
CA ILE C 127 -48.66 0.16 1.82
C ILE C 127 -47.36 0.27 2.61
N ARG C 128 -46.98 1.50 3.00
CA ARG C 128 -45.76 1.64 3.80
C ARG C 128 -45.89 0.96 5.16
N GLN C 129 -47.04 1.12 5.82
CA GLN C 129 -47.22 0.57 7.17
C GLN C 129 -47.19 -0.96 7.15
N GLN C 130 -47.77 -1.58 6.12
CA GLN C 130 -47.70 -3.03 6.03
C GLN C 130 -46.30 -3.51 5.65
N ARG C 131 -45.54 -2.73 4.88
CA ARG C 131 -44.14 -3.07 4.64
C ARG C 131 -43.33 -2.98 5.94
N GLN C 132 -43.61 -1.97 6.77
CA GLN C 132 -42.92 -1.85 8.04
C GLN C 132 -43.17 -3.07 8.93
N SER C 133 -44.43 -3.47 9.04
CA SER C 133 -44.74 -4.60 9.92
C SER C 133 -44.12 -5.90 9.41
N ALA C 134 -44.03 -6.07 8.09
CA ALA C 134 -43.45 -7.30 7.55
C ALA C 134 -41.95 -7.37 7.81
N VAL C 135 -41.24 -6.25 7.65
CA VAL C 135 -39.81 -6.24 7.92
C VAL C 135 -39.54 -6.39 9.41
N LEU C 136 -40.37 -5.77 10.25
CA LEU C 136 -40.20 -5.93 11.69
C LEU C 136 -40.46 -7.38 12.12
N ASP C 137 -41.36 -8.07 11.43
CA ASP C 137 -41.61 -9.49 11.71
C ASP C 137 -40.44 -10.37 11.28
N ILE C 138 -39.87 -10.09 10.10
CA ILE C 138 -38.67 -10.79 9.66
C ILE C 138 -37.54 -10.56 10.65
N HIS C 139 -37.39 -9.31 11.11
CA HIS C 139 -36.30 -8.97 12.02
C HIS C 139 -36.42 -9.71 13.34
N LYS C 140 -37.64 -9.75 13.89
CA LYS C 140 -37.88 -10.51 15.12
C LYS C 140 -37.42 -11.95 14.97
N GLY C 141 -37.77 -12.59 13.85
CA GLY C 141 -37.45 -14.00 13.67
C GLY C 141 -35.96 -14.22 13.44
N TRP C 142 -35.33 -13.34 12.68
CA TRP C 142 -33.90 -13.48 12.43
C TRP C 142 -33.08 -13.20 13.67
N THR C 143 -33.51 -12.25 14.50
CA THR C 143 -32.80 -12.00 15.76
C THR C 143 -32.82 -13.24 16.63
N LEU C 144 -33.97 -13.93 16.69
CA LEU C 144 -34.09 -15.16 17.47
C LEU C 144 -33.20 -16.26 16.89
N ALA C 145 -33.22 -16.44 15.57
CA ALA C 145 -32.40 -17.47 14.93
C ALA C 145 -30.91 -17.24 15.19
N LEU C 146 -30.43 -16.01 15.05
CA LEU C 146 -29.00 -15.76 15.26
C LEU C 146 -28.62 -15.93 16.71
N ALA C 147 -29.50 -15.52 17.63
CA ALA C 147 -29.29 -15.81 19.04
C ALA C 147 -29.22 -17.32 19.30
N ASN C 148 -30.07 -18.11 18.63
CA ASN C 148 -29.99 -19.55 18.79
C ASN C 148 -28.65 -20.07 18.27
N ALA C 149 -28.19 -19.54 17.13
CA ALA C 149 -26.92 -19.98 16.56
C ALA C 149 -25.77 -19.64 17.50
N VAL C 150 -25.80 -18.46 18.11
CA VAL C 150 -24.79 -18.11 19.10
C VAL C 150 -24.79 -19.12 20.24
N ARG C 151 -25.97 -19.38 20.80
CA ARG C 151 -26.05 -20.30 21.94
C ARG C 151 -25.50 -21.68 21.61
N ARG C 152 -25.70 -22.13 20.38
CA ARG C 152 -25.24 -23.45 19.95
C ARG C 152 -23.80 -23.43 19.47
N GLY C 153 -23.10 -22.31 19.62
CA GLY C 153 -21.68 -22.23 19.28
C GLY C 153 -21.39 -22.02 17.82
N GLN C 154 -22.39 -21.67 17.01
CA GLN C 154 -22.23 -21.56 15.57
C GLN C 154 -21.93 -20.13 15.12
N LEU C 155 -22.02 -19.17 16.02
CA LEU C 155 -21.74 -17.76 15.79
C LEU C 155 -21.03 -17.23 17.02
N PRO C 156 -20.26 -16.15 16.89
CA PRO C 156 -19.43 -15.70 18.02
C PRO C 156 -20.26 -15.36 19.24
N GLY C 157 -19.72 -15.71 20.41
CA GLY C 157 -20.44 -15.51 21.66
C GLY C 157 -20.88 -14.08 21.91
N GLU C 158 -20.07 -13.11 21.50
CA GLU C 158 -20.36 -11.70 21.75
C GLU C 158 -21.07 -11.03 20.57
N LEU C 159 -21.71 -11.81 19.69
CA LEU C 159 -22.42 -11.23 18.57
C LEU C 159 -23.58 -10.36 19.05
N ASP C 160 -23.76 -9.22 18.40
CA ASP C 160 -24.95 -8.39 18.64
C ASP C 160 -26.03 -8.91 17.71
N ALA C 161 -26.93 -9.74 18.26
CA ALA C 161 -27.91 -10.46 17.44
C ALA C 161 -28.80 -9.50 16.67
N GLU C 162 -29.20 -8.38 17.29
CA GLU C 162 -30.10 -7.46 16.62
C GLU C 162 -29.40 -6.72 15.47
N ARG C 163 -28.20 -6.19 15.72
CA ARG C 163 -27.49 -5.54 14.63
C ARG C 163 -27.07 -6.54 13.56
N ALA C 164 -26.73 -7.77 13.97
CA ALA C 164 -26.44 -8.80 12.98
C ALA C 164 -27.64 -9.05 12.09
N ALA C 165 -28.83 -9.11 12.69
CA ALA C 165 -30.05 -9.37 11.92
C ALA C 165 -30.32 -8.24 10.93
N VAL C 166 -30.08 -6.99 11.36
CA VAL C 166 -30.21 -5.85 10.45
C VAL C 166 -29.19 -5.94 9.32
N ALA C 167 -27.92 -6.20 9.67
CA ALA C 167 -26.89 -6.33 8.65
C ALA C 167 -27.22 -7.43 7.65
N LEU C 168 -27.72 -8.59 8.15
CA LEU C 168 -28.06 -9.66 7.21
C LEU C 168 -29.23 -9.28 6.33
N TYR C 169 -30.26 -8.66 6.91
CA TYR C 169 -31.39 -8.18 6.12
C TYR C 169 -30.95 -7.20 5.06
N ALA C 170 -30.14 -6.21 5.46
CA ALA C 170 -29.64 -5.22 4.50
C ALA C 170 -28.98 -5.90 3.32
N TYR C 171 -28.07 -6.84 3.61
CA TYR C 171 -27.33 -7.50 2.53
C TYR C 171 -28.25 -8.31 1.63
N VAL C 172 -29.14 -9.13 2.22
CA VAL C 172 -30.02 -9.96 1.41
C VAL C 172 -30.98 -9.11 0.59
N ASP C 173 -31.64 -8.15 1.25
CA ASP C 173 -32.57 -7.29 0.53
C ASP C 173 -31.86 -6.49 -0.57
N GLY C 174 -30.68 -5.96 -0.27
CA GLY C 174 -29.94 -5.20 -1.28
C GLY C 174 -29.49 -6.06 -2.45
N LEU C 175 -29.12 -7.31 -2.18
CA LEU C 175 -28.69 -8.19 -3.26
C LEU C 175 -29.86 -8.61 -4.13
N ILE C 176 -31.02 -8.86 -3.53
CA ILE C 176 -32.21 -9.17 -4.31
C ILE C 176 -32.57 -8.00 -5.22
N ARG C 177 -32.58 -6.80 -4.65
CA ARG C 177 -32.95 -5.64 -5.45
C ARG C 177 -31.93 -5.39 -6.54
N ARG C 178 -30.65 -5.60 -6.24
CA ARG C 178 -29.61 -5.45 -7.26
C ARG C 178 -29.79 -6.46 -8.38
N TRP C 179 -30.21 -7.68 -8.05
CA TRP C 179 -30.43 -8.70 -9.06
C TRP C 179 -31.65 -8.38 -9.92
N LEU C 180 -32.73 -7.91 -9.29
CA LEU C 180 -33.90 -7.50 -10.06
C LEU C 180 -33.54 -6.38 -11.04
N LEU C 181 -32.65 -5.48 -10.63
CA LEU C 181 -32.26 -4.35 -11.47
C LEU C 181 -31.32 -4.79 -12.59
N LEU C 182 -30.33 -5.60 -12.26
CA LEU C 182 -29.27 -6.01 -13.19
C LEU C 182 -29.09 -7.51 -13.09
N PRO C 183 -29.99 -8.30 -13.70
CA PRO C 183 -29.92 -9.76 -13.49
C PRO C 183 -28.74 -10.41 -14.18
N ASP C 184 -28.38 -9.98 -15.40
CA ASP C 184 -27.24 -10.53 -16.10
C ASP C 184 -25.92 -10.23 -15.39
N SER C 185 -25.92 -9.33 -14.41
CA SER C 185 -24.67 -8.93 -13.77
C SER C 185 -24.22 -9.95 -12.73
N VAL C 186 -25.15 -10.61 -12.06
CA VAL C 186 -24.85 -11.46 -10.92
C VAL C 186 -25.51 -12.82 -11.12
N ASP C 187 -24.69 -13.88 -11.18
CA ASP C 187 -25.19 -15.24 -11.39
C ASP C 187 -25.74 -15.76 -10.05
N LEU C 188 -26.91 -15.23 -9.69
CA LEU C 188 -27.46 -15.51 -8.37
C LEU C 188 -27.80 -16.98 -8.21
N LEU C 189 -28.12 -17.66 -9.31
CA LEU C 189 -28.42 -19.08 -9.25
C LEU C 189 -27.15 -19.92 -9.30
N GLY C 190 -26.22 -19.59 -10.19
CA GLY C 190 -25.02 -20.38 -10.32
C GLY C 190 -24.14 -20.34 -9.08
N ASP C 191 -23.98 -19.16 -8.49
CA ASP C 191 -23.11 -18.96 -7.33
C ASP C 191 -23.90 -18.73 -6.05
N VAL C 192 -25.10 -19.30 -5.95
CA VAL C 192 -25.98 -19.00 -4.83
C VAL C 192 -25.30 -19.31 -3.50
N GLU C 193 -24.54 -20.41 -3.44
CA GLU C 193 -23.84 -20.74 -2.20
C GLU C 193 -22.87 -19.64 -1.80
N LYS C 194 -22.09 -19.14 -2.77
CA LYS C 194 -21.18 -18.04 -2.47
C LYS C 194 -21.94 -16.80 -1.99
N TRP C 195 -23.06 -16.46 -2.65
CA TRP C 195 -23.78 -15.26 -2.26
C TRP C 195 -24.38 -15.40 -0.86
N VAL C 196 -24.89 -16.59 -0.52
CA VAL C 196 -25.38 -16.80 0.83
C VAL C 196 -24.23 -16.77 1.82
N ASP C 197 -23.12 -17.44 1.48
CA ASP C 197 -22.02 -17.57 2.43
C ASP C 197 -21.29 -16.24 2.63
N THR C 198 -21.28 -15.37 1.63
CA THR C 198 -20.74 -14.02 1.83
C THR C 198 -21.47 -13.31 2.96
N GLY C 199 -22.80 -13.38 2.95
CA GLY C 199 -23.59 -12.73 4.00
C GLY C 199 -23.39 -13.38 5.36
N LEU C 200 -23.42 -14.72 5.42
CA LEU C 200 -23.19 -15.38 6.69
C LEU C 200 -21.78 -15.11 7.21
N ASP C 201 -20.80 -14.99 6.30
CA ASP C 201 -19.42 -14.71 6.74
C ASP C 201 -19.31 -13.36 7.43
N MET C 202 -20.06 -12.37 6.96
CA MET C 202 -20.10 -11.07 7.64
C MET C 202 -20.53 -11.22 9.10
N LEU C 203 -21.57 -12.01 9.35
CA LEU C 203 -22.05 -12.20 10.70
C LEU C 203 -21.04 -13.01 11.53
N ARG C 204 -20.45 -14.03 10.93
CA ARG C 204 -19.55 -14.91 11.68
C ARG C 204 -18.19 -14.25 11.98
N LEU C 205 -17.74 -13.31 11.15
CA LEU C 205 -16.35 -12.86 11.18
C LEU C 205 -16.12 -11.39 11.50
N SER C 206 -17.11 -10.52 11.30
CA SER C 206 -16.88 -9.07 11.46
C SER C 206 -16.84 -8.69 12.93
N PRO C 207 -15.74 -8.11 13.41
CA PRO C 207 -15.74 -7.64 14.80
C PRO C 207 -16.66 -6.47 15.05
N ALA C 208 -17.02 -5.69 14.02
CA ALA C 208 -17.94 -4.58 14.22
C ALA C 208 -19.30 -5.06 14.71
N LEU C 209 -19.68 -6.28 14.35
CA LEU C 209 -20.97 -6.84 14.73
C LEU C 209 -20.97 -7.46 16.11
N ARG C 210 -19.93 -7.25 16.90
CA ARG C 210 -19.87 -7.80 18.25
C ARG C 210 -20.12 -6.69 19.25
N LYS C 211 -20.74 -7.04 20.38
CA LYS C 211 -21.21 -6.06 21.35
C LYS C 211 -20.04 -5.34 22.01
N ARG D 5 -27.77 38.21 -18.09
CA ARG D 5 -28.72 37.86 -17.04
C ARG D 5 -29.46 36.58 -17.38
N THR D 6 -29.54 36.26 -18.68
CA THR D 6 -30.28 35.08 -19.12
C THR D 6 -29.73 33.80 -18.49
N LYS D 7 -28.40 33.67 -18.48
CA LYS D 7 -27.78 32.45 -17.94
C LYS D 7 -28.11 32.29 -16.47
N GLU D 8 -28.07 33.37 -15.70
CA GLU D 8 -28.31 33.27 -14.27
C GLU D 8 -29.78 33.01 -13.95
N GLU D 9 -30.70 33.68 -14.66
CA GLU D 9 -32.12 33.41 -14.41
C GLU D 9 -32.49 31.99 -14.81
N ALA D 10 -31.85 31.45 -15.84
CA ALA D 10 -32.11 30.06 -16.21
C ALA D 10 -31.63 29.11 -15.12
N GLN D 11 -30.46 29.38 -14.54
CA GLN D 11 -29.99 28.53 -13.45
C GLN D 11 -30.89 28.63 -12.24
N GLU D 12 -31.43 29.83 -11.98
CA GLU D 12 -32.37 30.00 -10.88
C GLU D 12 -33.69 29.27 -11.16
N THR D 13 -34.18 29.35 -12.39
CA THR D 13 -35.41 28.65 -12.74
C THR D 13 -35.23 27.13 -12.65
N ARG D 14 -34.11 26.62 -13.14
CA ARG D 14 -33.84 25.18 -13.06
C ARG D 14 -33.80 24.70 -11.62
N ALA D 15 -33.09 25.42 -10.76
CA ALA D 15 -33.04 25.06 -9.35
C ALA D 15 -34.43 25.10 -8.73
N GLN D 16 -35.23 26.11 -9.11
CA GLN D 16 -36.60 26.22 -8.61
C GLN D 16 -37.45 25.03 -9.03
N ILE D 17 -37.25 24.54 -10.25
CA ILE D 17 -38.01 23.39 -10.74
C ILE D 17 -37.59 22.13 -9.99
N ILE D 18 -36.29 21.97 -9.78
CA ILE D 18 -35.79 20.77 -9.10
C ILE D 18 -36.29 20.72 -7.67
N GLU D 19 -36.30 21.86 -6.98
CA GLU D 19 -36.82 21.89 -5.62
C GLU D 19 -38.31 21.58 -5.57
N ALA D 20 -39.08 22.09 -6.54
CA ALA D 20 -40.51 21.77 -6.58
C ALA D 20 -40.74 20.30 -6.91
N ALA D 21 -39.90 19.71 -7.77
CA ALA D 21 -40.06 18.31 -8.12
C ALA D 21 -39.85 17.42 -6.90
N GLU D 22 -38.87 17.77 -6.06
N GLU D 22 -38.87 17.76 -6.06
CA GLU D 22 -38.65 17.02 -4.83
CA GLU D 22 -38.65 17.01 -4.84
C GLU D 22 -39.87 17.07 -3.94
C GLU D 22 -39.89 17.05 -3.95
N ARG D 23 -40.51 18.23 -3.82
CA ARG D 23 -41.71 18.33 -3.00
C ARG D 23 -42.86 17.55 -3.64
N ALA D 24 -43.04 17.67 -4.95
CA ALA D 24 -44.16 17.03 -5.62
C ALA D 24 -43.99 15.51 -5.63
N PHE D 25 -42.79 15.03 -5.95
CA PHE D 25 -42.55 13.59 -5.96
C PHE D 25 -42.66 13.00 -4.56
N TYR D 26 -42.16 13.71 -3.55
CA TYR D 26 -42.23 13.19 -2.19
C TYR D 26 -43.68 13.04 -1.72
N LYS D 27 -44.52 14.03 -2.02
CA LYS D 27 -45.91 13.95 -1.56
C LYS D 27 -46.72 12.96 -2.39
N ARG D 28 -46.64 13.05 -3.71
CA ARG D 28 -47.55 12.28 -4.56
C ARG D 28 -46.91 11.14 -5.35
N GLY D 29 -45.59 10.98 -5.32
CA GLY D 29 -44.93 9.95 -6.08
C GLY D 29 -44.65 10.37 -7.51
N VAL D 30 -43.72 9.65 -8.14
CA VAL D 30 -43.30 10.00 -9.50
C VAL D 30 -44.37 9.63 -10.51
N ALA D 31 -44.98 8.46 -10.33
CA ALA D 31 -45.84 7.87 -11.35
C ALA D 31 -46.94 8.83 -11.80
N ARG D 32 -47.59 9.49 -10.84
CA ARG D 32 -48.77 10.29 -11.14
C ARG D 32 -48.49 11.78 -11.22
N THR D 33 -47.25 12.19 -11.00
CA THR D 33 -46.87 13.60 -11.10
C THR D 33 -46.45 13.91 -12.54
N THR D 34 -46.98 14.98 -13.11
CA THR D 34 -46.56 15.42 -14.44
C THR D 34 -45.62 16.63 -14.36
N LEU D 35 -44.90 16.88 -15.45
CA LEU D 35 -44.14 18.12 -15.57
C LEU D 35 -45.03 19.35 -15.36
N ALA D 36 -46.27 19.32 -15.88
CA ALA D 36 -47.13 20.48 -15.69
C ALA D 36 -47.49 20.67 -14.22
N ASP D 37 -47.73 19.57 -13.48
CA ASP D 37 -47.94 19.65 -12.03
C ASP D 37 -46.77 20.34 -11.33
N ILE D 38 -45.55 19.94 -11.69
CA ILE D 38 -44.36 20.50 -11.05
C ILE D 38 -44.22 21.98 -11.39
N ALA D 39 -44.47 22.35 -12.65
CA ALA D 39 -44.37 23.74 -13.04
C ALA D 39 -45.35 24.60 -12.26
N GLU D 40 -46.57 24.14 -12.08
CA GLU D 40 -47.53 24.91 -11.29
C GLU D 40 -47.06 25.06 -9.85
N LEU D 41 -46.50 23.98 -9.28
CA LEU D 41 -45.99 24.04 -7.92
C LEU D 41 -44.77 24.94 -7.81
N ALA D 42 -43.93 25.01 -8.85
CA ALA D 42 -42.75 25.87 -8.81
C ALA D 42 -43.07 27.33 -9.10
N GLY D 43 -44.31 27.65 -9.46
CA GLY D 43 -44.62 29.01 -9.87
C GLY D 43 -43.88 29.43 -11.13
N VAL D 44 -43.72 28.52 -12.08
CA VAL D 44 -42.98 28.78 -13.31
C VAL D 44 -43.91 28.57 -14.50
N THR D 45 -43.92 29.54 -15.43
CA THR D 45 -45.03 29.74 -16.36
C THR D 45 -44.55 29.71 -17.80
N ARG D 46 -45.52 29.78 -18.72
CA ARG D 46 -45.27 29.93 -20.16
C ARG D 46 -44.47 28.76 -20.74
N GLY D 47 -44.60 27.59 -20.10
CA GLY D 47 -43.96 26.38 -20.58
C GLY D 47 -42.49 26.28 -20.27
N ALA D 48 -42.00 27.05 -19.29
CA ALA D 48 -40.57 27.08 -19.03
C ALA D 48 -40.01 25.73 -18.62
N ILE D 49 -40.82 24.87 -18.00
CA ILE D 49 -40.24 23.64 -17.52
C ILE D 49 -39.77 22.77 -18.68
N TYR D 50 -40.44 22.85 -19.84
CA TYR D 50 -40.08 22.04 -21.00
C TYR D 50 -38.80 22.54 -21.66
N TRP D 51 -38.42 23.79 -21.44
CA TRP D 51 -37.10 24.23 -21.91
C TRP D 51 -35.99 23.64 -21.06
N HIS D 52 -36.27 23.27 -19.81
CA HIS D 52 -35.25 22.74 -18.93
C HIS D 52 -35.22 21.22 -18.91
N PHE D 53 -36.36 20.55 -19.16
CA PHE D 53 -36.46 19.10 -19.06
C PHE D 53 -37.34 18.57 -20.18
N ASN D 54 -36.86 17.53 -20.87
CA ASN D 54 -37.63 16.94 -21.96
C ASN D 54 -38.79 16.11 -21.44
N ASN D 55 -38.59 15.39 -20.34
CA ASN D 55 -39.64 14.58 -19.76
C ASN D 55 -39.36 14.38 -18.28
N LYS D 56 -40.24 13.62 -17.64
CA LYS D 56 -40.15 13.42 -16.19
C LYS D 56 -38.94 12.56 -15.81
N ALA D 57 -38.52 11.64 -16.68
CA ALA D 57 -37.35 10.83 -16.38
C ALA D 57 -36.09 11.68 -16.30
N GLU D 58 -35.99 12.70 -17.16
CA GLU D 58 -34.83 13.57 -17.11
C GLU D 58 -34.78 14.34 -15.79
N LEU D 59 -35.94 14.65 -15.21
CA LEU D 59 -35.99 15.31 -13.93
C LEU D 59 -35.67 14.35 -12.79
N VAL D 60 -36.16 13.12 -12.86
CA VAL D 60 -35.74 12.11 -11.89
C VAL D 60 -34.22 11.95 -11.93
N GLN D 61 -33.65 11.89 -13.13
CA GLN D 61 -32.20 11.72 -13.25
C GLN D 61 -31.45 12.92 -12.68
N ALA D 62 -32.00 14.13 -12.81
CA ALA D 62 -31.36 15.28 -12.18
C ALA D 62 -31.33 15.14 -10.66
N LEU D 63 -32.41 14.64 -10.06
CA LEU D 63 -32.37 14.36 -8.63
C LEU D 63 -31.30 13.33 -8.29
N LEU D 64 -31.25 12.24 -9.07
CA LEU D 64 -30.27 11.19 -8.82
C LEU D 64 -28.85 11.70 -8.99
N ASP D 65 -28.59 12.41 -10.09
CA ASP D 65 -27.26 13.00 -10.31
C ASP D 65 -26.85 13.93 -9.19
N SER D 66 -27.80 14.66 -8.57
CA SER D 66 -27.43 15.62 -7.53
C SER D 66 -26.83 14.95 -6.32
N LEU D 67 -27.06 13.64 -6.13
CA LEU D 67 -26.58 12.96 -4.93
C LEU D 67 -25.08 12.73 -4.97
N HIS D 68 -24.48 12.67 -6.16
CA HIS D 68 -23.06 12.34 -6.25
C HIS D 68 -22.14 13.49 -5.88
N GLU D 69 -22.63 14.73 -5.94
CA GLU D 69 -21.75 15.90 -5.88
C GLU D 69 -20.96 15.96 -4.57
N THR D 70 -21.65 15.78 -3.44
CA THR D 70 -21.02 15.92 -2.13
C THR D 70 -19.84 14.96 -1.97
N HIS D 71 -19.97 13.77 -2.54
CA HIS D 71 -19.04 12.68 -2.29
C HIS D 71 -17.98 12.53 -3.37
N ASP D 72 -17.99 13.44 -4.37
CA ASP D 72 -17.16 13.28 -5.55
C ASP D 72 -15.68 13.28 -5.20
N HIS D 73 -15.27 14.16 -4.28
CA HIS D 73 -13.87 14.27 -3.89
C HIS D 73 -13.34 12.97 -3.31
N LEU D 74 -14.07 12.37 -2.36
CA LEU D 74 -13.60 11.13 -1.73
C LEU D 74 -13.68 9.95 -2.69
N ALA D 75 -14.72 9.91 -3.54
CA ALA D 75 -14.82 8.84 -4.52
C ALA D 75 -13.66 8.89 -5.51
N ARG D 76 -13.40 10.08 -6.07
CA ARG D 76 -12.23 10.25 -6.93
C ARG D 76 -10.95 9.80 -6.24
N ALA D 77 -10.78 10.18 -4.97
CA ALA D 77 -9.56 9.82 -4.26
C ALA D 77 -9.47 8.31 -4.08
N SER D 78 -10.56 7.66 -3.69
CA SER D 78 -10.50 6.22 -3.51
C SER D 78 -10.15 5.51 -4.81
N GLU D 79 -10.55 6.08 -5.94
CA GLU D 79 -10.29 5.45 -7.23
C GLU D 79 -8.92 5.80 -7.80
N SER D 80 -8.15 6.64 -7.13
CA SER D 80 -6.84 7.05 -7.65
C SER D 80 -5.77 6.03 -7.27
N GLU D 81 -4.98 5.62 -8.26
CA GLU D 81 -3.81 4.79 -7.99
C GLU D 81 -2.88 5.47 -7.00
N ASP D 82 -2.67 6.77 -7.15
CA ASP D 82 -1.69 7.49 -6.34
C ASP D 82 -2.17 7.74 -4.91
N GLU D 83 -3.44 7.51 -4.61
CA GLU D 83 -3.92 7.66 -3.25
C GLU D 83 -3.25 6.64 -2.33
N VAL D 84 -2.77 7.12 -1.19
CA VAL D 84 -2.01 6.25 -0.28
C VAL D 84 -2.93 5.31 0.49
N ASP D 85 -4.19 5.70 0.73
CA ASP D 85 -5.09 4.99 1.63
C ASP D 85 -6.46 4.83 0.99
N PRO D 86 -6.55 4.02 -0.09
CA PRO D 86 -7.85 3.89 -0.76
C PRO D 86 -8.94 3.30 0.10
N LEU D 87 -8.63 2.31 0.96
CA LEU D 87 -9.67 1.79 1.83
C LEU D 87 -10.11 2.85 2.83
N GLY D 88 -9.17 3.70 3.28
CA GLY D 88 -9.55 4.78 4.17
C GLY D 88 -10.43 5.83 3.51
N CYS D 89 -10.19 6.10 2.22
CA CYS D 89 -11.07 7.01 1.49
C CYS D 89 -12.46 6.42 1.32
N MET D 90 -12.53 5.11 1.03
CA MET D 90 -13.84 4.46 0.90
C MET D 90 -14.58 4.49 2.24
N ARG D 91 -13.84 4.35 3.34
CA ARG D 91 -14.45 4.41 4.66
C ARG D 91 -15.02 5.80 4.93
N LYS D 92 -14.22 6.85 4.66
CA LYS D 92 -14.69 8.22 4.81
C LYS D 92 -15.85 8.53 3.87
N LEU D 93 -15.80 8.00 2.65
CA LEU D 93 -16.94 8.08 1.73
C LEU D 93 -18.21 7.53 2.37
N LEU D 94 -18.16 6.29 2.85
CA LEU D 94 -19.37 5.68 3.39
C LEU D 94 -19.83 6.38 4.66
N LEU D 95 -18.89 6.84 5.49
CA LEU D 95 -19.28 7.67 6.65
C LEU D 95 -20.04 8.91 6.21
N GLN D 96 -19.54 9.60 5.19
CA GLN D 96 -20.21 10.82 4.73
C GLN D 96 -21.57 10.51 4.11
N VAL D 97 -21.66 9.40 3.36
CA VAL D 97 -22.95 9.00 2.77
C VAL D 97 -24.01 8.89 3.86
N PHE D 98 -23.69 8.15 4.93
CA PHE D 98 -24.66 7.91 5.99
C PHE D 98 -24.91 9.19 6.80
N ASN D 99 -23.86 9.98 7.06
CA ASN D 99 -24.00 11.24 7.77
C ASN D 99 -24.93 12.19 7.03
N GLU D 100 -24.71 12.32 5.72
CA GLU D 100 -25.56 13.22 4.93
C GLU D 100 -27.00 12.71 4.87
N LEU D 101 -27.17 11.39 4.79
CA LEU D 101 -28.51 10.83 4.74
C LEU D 101 -29.30 11.18 5.99
N VAL D 102 -28.68 11.04 7.16
CA VAL D 102 -29.36 11.31 8.41
C VAL D 102 -29.53 12.80 8.63
N LEU D 103 -28.52 13.58 8.28
CA LEU D 103 -28.52 15.00 8.61
C LEU D 103 -29.20 15.89 7.57
N ASP D 104 -29.09 15.58 6.28
CA ASP D 104 -29.56 16.49 5.23
C ASP D 104 -30.98 16.11 4.83
N ALA D 105 -31.93 17.03 5.06
CA ALA D 105 -33.32 16.77 4.71
C ALA D 105 -33.46 16.51 3.21
N ARG D 106 -32.72 17.25 2.39
CA ARG D 106 -32.84 17.09 0.94
C ARG D 106 -32.33 15.72 0.50
N THR D 107 -31.17 15.31 0.99
CA THR D 107 -30.64 14.01 0.60
C THR D 107 -31.57 12.89 1.02
N ARG D 108 -32.11 12.97 2.23
CA ARG D 108 -33.02 11.94 2.72
C ARG D 108 -34.27 11.85 1.84
N ARG D 109 -34.86 13.00 1.51
CA ARG D 109 -36.09 12.99 0.72
C ARG D 109 -35.83 12.48 -0.69
N ILE D 110 -34.69 12.81 -1.28
CA ILE D 110 -34.40 12.31 -2.63
C ILE D 110 -34.22 10.80 -2.59
N ASN D 111 -33.53 10.30 -1.55
CA ASN D 111 -33.37 8.86 -1.43
C ASN D 111 -34.71 8.18 -1.24
N GLU D 112 -35.59 8.76 -0.43
CA GLU D 112 -36.92 8.19 -0.25
C GLU D 112 -37.69 8.18 -1.56
N ILE D 113 -37.55 9.25 -2.36
CA ILE D 113 -38.20 9.26 -3.66
C ILE D 113 -37.69 8.14 -4.54
N LEU D 114 -36.36 7.99 -4.62
CA LEU D 114 -35.83 7.04 -5.59
C LEU D 114 -36.04 5.60 -5.13
N HIS D 115 -35.90 5.35 -3.83
CA HIS D 115 -36.10 4.01 -3.30
C HIS D 115 -37.57 3.63 -3.24
N HIS D 116 -38.43 4.52 -2.74
CA HIS D 116 -39.77 4.17 -2.32
C HIS D 116 -40.89 4.89 -3.04
N LYS D 117 -40.60 5.90 -3.86
CA LYS D 117 -41.69 6.68 -4.45
C LYS D 117 -41.53 6.82 -5.96
N CYS D 118 -40.91 5.85 -6.61
CA CYS D 118 -40.52 6.03 -8.02
C CYS D 118 -40.65 4.70 -8.78
N GLU D 119 -41.81 4.50 -9.43
CA GLU D 119 -42.08 3.28 -10.17
C GLU D 119 -41.26 3.17 -11.45
N PHE D 120 -40.88 1.95 -11.81
N PHE D 120 -40.84 1.93 -11.75
CA PHE D 120 -40.21 1.75 -13.10
CA PHE D 120 -40.30 1.51 -13.03
C PHE D 120 -41.26 1.54 -14.20
C PHE D 120 -41.43 0.93 -13.87
N THR D 121 -42.10 2.56 -14.40
N THR D 121 -41.73 1.56 -15.01
CA THR D 121 -43.28 2.41 -15.27
CA THR D 121 -42.74 1.05 -15.92
C THR D 121 -43.48 3.63 -16.17
C THR D 121 -42.24 1.23 -17.35
N ASP D 122 -42.40 4.21 -16.69
N ASP D 122 -42.67 0.32 -18.25
CA ASP D 122 -42.59 5.24 -17.70
CA ASP D 122 -42.13 0.35 -19.59
C ASP D 122 -42.58 4.61 -19.10
C ASP D 122 -42.76 1.40 -20.50
N ASP D 123 -43.14 5.36 -20.06
N ASP D 123 -43.76 2.14 -20.03
CA ASP D 123 -43.42 4.80 -21.38
CA ASP D 123 -44.19 3.31 -20.76
C ASP D 123 -42.16 4.30 -22.08
C ASP D 123 -43.29 4.50 -20.50
N MET D 124 -41.07 5.05 -22.00
N MET D 124 -42.49 4.45 -19.42
CA MET D 124 -39.84 4.71 -22.68
CA MET D 124 -41.43 5.41 -19.16
C MET D 124 -38.86 3.95 -21.79
C MET D 124 -40.16 4.60 -18.83
N CYS D 125 -39.31 3.45 -20.64
N CYS D 125 -39.71 3.82 -19.81
CA CYS D 125 -38.48 2.68 -19.70
CA CYS D 125 -38.64 2.85 -19.61
C CYS D 125 -37.22 3.43 -19.30
C CYS D 125 -37.30 3.52 -19.28
N GLU D 126 -37.23 4.75 -19.41
N GLU D 126 -37.19 4.85 -19.45
CA GLU D 126 -36.03 5.55 -19.17
CA GLU D 126 -35.92 5.52 -19.15
C GLU D 126 -35.65 5.56 -17.70
C GLU D 126 -35.61 5.49 -17.67
N ILE D 127 -36.63 5.48 -16.80
CA ILE D 127 -36.34 5.53 -15.37
C ILE D 127 -35.54 4.30 -14.94
N ARG D 128 -35.97 3.12 -15.39
CA ARG D 128 -35.24 1.90 -15.07
C ARG D 128 -33.88 1.85 -15.77
N GLN D 129 -33.83 2.29 -17.03
CA GLN D 129 -32.57 2.26 -17.77
C GLN D 129 -31.54 3.17 -17.14
N GLN D 130 -31.96 4.35 -16.68
CA GLN D 130 -31.00 5.27 -16.07
C GLN D 130 -30.59 4.81 -14.68
N ARG D 131 -31.49 4.12 -13.96
CA ARG D 131 -31.07 3.54 -12.70
C ARG D 131 -30.05 2.42 -12.92
N GLN D 132 -30.22 1.64 -13.99
CA GLN D 132 -29.25 0.61 -14.33
C GLN D 132 -27.89 1.24 -14.60
N SER D 133 -27.88 2.30 -15.40
CA SER D 133 -26.62 2.95 -15.73
C SER D 133 -25.95 3.52 -14.50
N ALA D 134 -26.74 4.09 -13.59
CA ALA D 134 -26.21 4.70 -12.37
C ALA D 134 -25.59 3.65 -11.45
N VAL D 135 -26.22 2.47 -11.34
CA VAL D 135 -25.66 1.44 -10.48
C VAL D 135 -24.41 0.83 -11.11
N LEU D 136 -24.43 0.63 -12.42
CA LEU D 136 -23.25 0.12 -13.10
C LEU D 136 -22.07 1.09 -13.01
N ASP D 137 -22.34 2.39 -12.96
CA ASP D 137 -21.27 3.37 -12.80
C ASP D 137 -20.67 3.32 -11.40
N ILE D 138 -21.54 3.26 -10.38
CA ILE D 138 -21.07 3.06 -9.02
C ILE D 138 -20.27 1.78 -8.95
N HIS D 139 -20.77 0.72 -9.58
CA HIS D 139 -20.06 -0.55 -9.61
C HIS D 139 -18.67 -0.39 -10.18
N LYS D 140 -18.57 0.24 -11.36
CA LYS D 140 -17.26 0.36 -11.99
C LYS D 140 -16.29 1.12 -11.07
N GLY D 141 -16.77 2.18 -10.44
CA GLY D 141 -15.92 2.95 -9.53
C GLY D 141 -15.52 2.17 -8.30
N TRP D 142 -16.49 1.53 -7.63
CA TRP D 142 -16.16 0.76 -6.44
C TRP D 142 -15.28 -0.44 -6.75
N THR D 143 -15.42 -1.02 -7.94
CA THR D 143 -14.51 -2.12 -8.30
C THR D 143 -13.08 -1.61 -8.41
N LEU D 144 -12.91 -0.36 -8.84
CA LEU D 144 -11.59 0.24 -8.95
C LEU D 144 -11.01 0.57 -7.57
N ALA D 145 -11.83 1.11 -6.67
CA ALA D 145 -11.33 1.46 -5.34
C ALA D 145 -10.94 0.22 -4.54
N LEU D 146 -11.78 -0.81 -4.58
CA LEU D 146 -11.42 -2.07 -3.95
C LEU D 146 -10.13 -2.64 -4.53
N ALA D 147 -9.99 -2.57 -5.86
CA ALA D 147 -8.75 -3.05 -6.46
C ALA D 147 -7.55 -2.23 -6.01
N ASN D 148 -7.73 -0.92 -5.82
CA ASN D 148 -6.65 -0.08 -5.30
C ASN D 148 -6.28 -0.49 -3.88
N ALA D 149 -7.28 -0.76 -3.03
CA ALA D 149 -7.00 -1.22 -1.68
C ALA D 149 -6.28 -2.57 -1.72
N VAL D 150 -6.70 -3.46 -2.61
CA VAL D 150 -6.04 -4.76 -2.75
C VAL D 150 -4.57 -4.57 -3.07
N ARG D 151 -4.28 -3.68 -4.01
CA ARG D 151 -2.88 -3.45 -4.38
C ARG D 151 -2.11 -2.81 -3.23
N ARG D 152 -2.73 -1.89 -2.50
CA ARG D 152 -2.08 -1.21 -1.38
C ARG D 152 -2.03 -2.06 -0.12
N GLY D 153 -2.46 -3.32 -0.21
CA GLY D 153 -2.35 -4.26 0.88
C GLY D 153 -3.45 -4.20 1.92
N GLN D 154 -4.52 -3.47 1.65
CA GLN D 154 -5.54 -3.21 2.66
C GLN D 154 -6.68 -4.22 2.61
N LEU D 155 -6.85 -4.90 1.47
CA LEU D 155 -7.80 -5.99 1.29
C LEU D 155 -7.06 -7.23 0.80
N PRO D 156 -7.64 -8.42 1.04
CA PRO D 156 -7.00 -9.69 0.64
C PRO D 156 -6.46 -9.74 -0.78
N GLY D 157 -5.34 -10.46 -0.96
CA GLY D 157 -4.72 -10.53 -2.27
C GLY D 157 -5.59 -11.15 -3.33
N GLU D 158 -6.37 -12.17 -2.96
CA GLU D 158 -7.19 -12.93 -3.90
C GLU D 158 -8.65 -12.50 -3.91
N LEU D 159 -8.93 -11.25 -3.51
CA LEU D 159 -10.30 -10.77 -3.49
C LEU D 159 -10.85 -10.71 -4.92
N ASP D 160 -12.10 -11.16 -5.08
CA ASP D 160 -12.85 -11.01 -6.32
C ASP D 160 -13.43 -9.60 -6.27
N ALA D 161 -12.75 -8.65 -6.92
CA ALA D 161 -13.14 -7.25 -6.78
C ALA D 161 -14.55 -7.01 -7.31
N GLU D 162 -14.94 -7.75 -8.35
CA GLU D 162 -16.27 -7.62 -8.94
C GLU D 162 -17.34 -8.05 -7.94
N ARG D 163 -17.25 -9.28 -7.43
CA ARG D 163 -18.27 -9.73 -6.49
C ARG D 163 -18.21 -8.94 -5.19
N ALA D 164 -17.01 -8.50 -4.78
CA ALA D 164 -16.90 -7.71 -3.55
C ALA D 164 -17.63 -6.39 -3.68
N ALA D 165 -17.45 -5.70 -4.82
CA ALA D 165 -18.16 -4.45 -5.06
C ALA D 165 -19.68 -4.65 -5.05
N VAL D 166 -20.16 -5.76 -5.64
CA VAL D 166 -21.59 -6.05 -5.59
C VAL D 166 -22.04 -6.28 -4.16
N ALA D 167 -21.27 -7.05 -3.39
CA ALA D 167 -21.66 -7.33 -2.01
C ALA D 167 -21.64 -6.05 -1.16
N LEU D 168 -20.66 -5.17 -1.35
CA LEU D 168 -20.70 -3.91 -0.60
C LEU D 168 -21.88 -3.03 -1.02
N TYR D 169 -22.18 -2.98 -2.31
CA TYR D 169 -23.32 -2.17 -2.75
C TYR D 169 -24.62 -2.73 -2.17
N ALA D 170 -24.76 -4.05 -2.15
CA ALA D 170 -25.98 -4.64 -1.62
C ALA D 170 -26.18 -4.27 -0.16
N TYR D 171 -25.11 -4.31 0.62
CA TYR D 171 -25.22 -4.02 2.04
C TYR D 171 -25.53 -2.55 2.26
N VAL D 172 -24.80 -1.66 1.60
CA VAL D 172 -25.02 -0.22 1.80
C VAL D 172 -26.41 0.17 1.32
N ASP D 173 -26.77 -0.24 0.11
CA ASP D 173 -28.09 0.09 -0.42
C ASP D 173 -29.19 -0.48 0.44
N GLY D 174 -29.02 -1.72 0.90
CA GLY D 174 -30.05 -2.31 1.73
C GLY D 174 -30.17 -1.64 3.08
N LEU D 175 -29.05 -1.20 3.65
CA LEU D 175 -29.10 -0.55 4.95
C LEU D 175 -29.75 0.82 4.86
N ILE D 176 -29.43 1.58 3.81
CA ILE D 176 -30.11 2.87 3.59
C ILE D 176 -31.62 2.68 3.48
N ARG D 177 -32.05 1.74 2.64
CA ARG D 177 -33.49 1.52 2.47
C ARG D 177 -34.14 1.03 3.76
N ARG D 178 -33.43 0.20 4.52
N ARG D 178 -33.44 0.22 4.54
CA ARG D 178 -33.94 -0.26 5.81
CA ARG D 178 -34.04 -0.22 5.80
C ARG D 178 -34.13 0.91 6.78
C ARG D 178 -34.14 0.92 6.80
N TRP D 179 -33.17 1.83 6.80
CA TRP D 179 -33.28 3.01 7.65
C TRP D 179 -34.42 3.92 7.19
N LEU D 180 -34.57 4.11 5.88
CA LEU D 180 -35.66 4.91 5.37
C LEU D 180 -37.00 4.32 5.78
N LEU D 181 -37.11 2.99 5.80
CA LEU D 181 -38.37 2.34 6.13
C LEU D 181 -38.63 2.38 7.63
N LEU D 182 -37.61 2.12 8.44
CA LEU D 182 -37.75 2.07 9.90
C LEU D 182 -36.68 2.95 10.54
N PRO D 183 -36.81 4.27 10.45
CA PRO D 183 -35.72 5.14 10.94
C PRO D 183 -35.49 5.05 12.43
N ASP D 184 -36.56 4.99 13.23
CA ASP D 184 -36.33 4.93 14.67
C ASP D 184 -35.85 3.55 15.13
N SER D 185 -35.59 2.60 14.24
N SER D 185 -35.60 2.60 14.24
CA SER D 185 -35.13 1.27 14.65
CA SER D 185 -35.12 1.28 14.64
C SER D 185 -33.62 1.10 14.56
C SER D 185 -33.60 1.17 14.63
N VAL D 186 -32.94 1.86 13.70
CA VAL D 186 -31.50 1.74 13.51
C VAL D 186 -30.87 3.11 13.76
N ASP D 187 -29.92 3.17 14.70
CA ASP D 187 -29.21 4.42 14.99
C ASP D 187 -28.05 4.58 14.00
N LEU D 188 -28.42 4.92 12.77
CA LEU D 188 -27.45 5.03 11.70
C LEU D 188 -26.40 6.09 12.01
N LEU D 189 -26.83 7.22 12.58
CA LEU D 189 -25.88 8.29 12.90
C LEU D 189 -25.06 7.96 14.14
N GLY D 190 -25.72 7.53 15.22
CA GLY D 190 -25.01 7.29 16.46
C GLY D 190 -23.94 6.21 16.36
N ASP D 191 -24.24 5.12 15.65
CA ASP D 191 -23.31 4.01 15.48
C ASP D 191 -22.78 3.95 14.05
N VAL D 192 -22.58 5.11 13.43
CA VAL D 192 -22.26 5.16 12.00
C VAL D 192 -20.98 4.39 11.70
N GLU D 193 -19.97 4.48 12.58
CA GLU D 193 -18.73 3.76 12.33
C GLU D 193 -18.95 2.25 12.33
N LYS D 194 -19.76 1.76 13.28
CA LYS D 194 -20.08 0.33 13.31
C LYS D 194 -20.76 -0.12 12.02
N TRP D 195 -21.67 0.70 11.48
CA TRP D 195 -22.38 0.25 10.30
C TRP D 195 -21.46 0.21 9.08
N VAL D 196 -20.57 1.20 8.96
CA VAL D 196 -19.63 1.21 7.84
C VAL D 196 -18.64 0.05 7.98
N ASP D 197 -18.10 -0.14 9.18
CA ASP D 197 -17.08 -1.16 9.35
C ASP D 197 -17.64 -2.58 9.21
N THR D 198 -18.92 -2.78 9.53
CA THR D 198 -19.54 -4.08 9.28
C THR D 198 -19.44 -4.45 7.81
N GLY D 199 -19.73 -3.50 6.92
CA GLY D 199 -19.64 -3.79 5.50
C GLY D 199 -18.22 -4.01 5.03
N LEU D 200 -17.29 -3.17 5.49
CA LEU D 200 -15.90 -3.32 5.12
C LEU D 200 -15.31 -4.63 5.64
N ASP D 201 -15.75 -5.07 6.82
CA ASP D 201 -15.27 -6.34 7.38
C ASP D 201 -15.68 -7.52 6.51
N MET D 202 -16.85 -7.45 5.87
CA MET D 202 -17.30 -8.52 4.98
C MET D 202 -16.35 -8.70 3.81
N LEU D 203 -15.91 -7.60 3.21
CA LEU D 203 -14.99 -7.71 2.09
C LEU D 203 -13.61 -8.19 2.54
N ARG D 204 -13.15 -7.76 3.70
CA ARG D 204 -11.81 -8.09 4.19
C ARG D 204 -11.68 -9.53 4.64
N LEU D 205 -12.77 -10.15 5.09
CA LEU D 205 -12.68 -11.40 5.85
C LEU D 205 -13.46 -12.57 5.27
N SER D 206 -14.42 -12.32 4.38
CA SER D 206 -15.23 -13.41 3.86
C SER D 206 -14.44 -14.24 2.86
N PRO D 207 -14.16 -15.52 3.15
CA PRO D 207 -13.51 -16.36 2.14
C PRO D 207 -14.40 -16.60 0.93
N ALA D 208 -15.72 -16.42 1.07
CA ALA D 208 -16.61 -16.58 -0.07
C ALA D 208 -16.35 -15.54 -1.15
N LEU D 209 -15.73 -14.41 -0.81
CA LEU D 209 -15.47 -13.34 -1.75
C LEU D 209 -14.10 -13.45 -2.42
N ARG D 210 -13.34 -14.49 -2.11
CA ARG D 210 -12.04 -14.70 -2.71
C ARG D 210 -12.15 -15.69 -3.85
N LYS D 211 -11.12 -15.68 -4.70
CA LYS D 211 -10.90 -16.51 -5.91
C LYS D 211 -10.69 -15.56 -7.07
#